data_2YD0
#
_entry.id   2YD0
#
_cell.length_a   200.948
_cell.length_b   200.948
_cell.length_c   114.222
_cell.angle_alpha   90.00
_cell.angle_beta   90.00
_cell.angle_gamma   120.00
#
_symmetry.space_group_name_H-M   'P 6 2 2'
#
loop_
_entity.id
_entity.type
_entity.pdbx_description
1 polymer 'ENDOPLASMIC RETICULUM AMINOPEPTIDASE 1'
2 branched 2-acetamido-2-deoxy-beta-D-glucopyranose-(1-4)-2-acetamido-2-deoxy-beta-D-glucopyranose
3 non-polymer 2-acetamido-2-deoxy-beta-D-glucopyranose
4 non-polymer 'ZINC ION'
5 non-polymer 'POTASSIUM ION'
6 non-polymer 1,2-ETHANEDIOL
7 non-polymer '2-(3-AMINO-2-HYDROXY-4-PHENYL-BUTYRYLAMINO)-4-METHYL-PENTANOIC ACID'
8 water water
#
_entity_poly.entity_id   1
_entity_poly.type   'polypeptide(L)'
_entity_poly.pdbx_seq_one_letter_code
;PFPWNKIRLPEYVIPVHYDLLIHANLTTLTFWGTTKVEITASQPTSTIILHSHHLQISRATLRKGAGERLSEEPLQVLEH
PRQEQIALLAPEPLLVGLPYTVVIHYAGNLSETFHGFYKSTYRTKEGELRILASTQFEPTAARMAFPCFDEPAFKASFSI
KIRREPRHLAISNMPLVKSVTVAEGLIEDHFDVTVKMSTYLVAFIISDFESVSKITKSGVKVSVYAVPDKINQADYALDA
AVTLLEFYEDYFSIPYPLPKQDLAAIPDFQSGAMENWGLTTYRESALLFDAEKSSASSKLGITMTVAHELAHQWFGNLVT
MEWWNDLWLNEGFAKFMEFVSVSVTHPELKVGDYFFGKCFDAMEVDALNSSHPVSTPVENPAQIREMFDDVSYDKGACIL
NMLREYLSADAFKSGIVQYLQKHSYKNTKNEDLWDSMASICPTDGVKGMDGFCSRSQHSSSSSHWHQEGVDVKTMMNTWT
LQKGFPLITITVRGRNVHMKQEHYMKGSDGAPDTGYLWHVPLTFITSKSDMVHRFLLKTKTDVLILPEEVEWIKFNVGMN
GYYIVHYEDDGWDSLTGLLKGTHTAVSSNDRASLINNAFQLVSIGKLSIEKALDLSLYLKHETEIMPVFQGLNELIPMYK
LMEKRDMNEVETQFKAFLIRLLRDLIDKQTWTDEGSVSERMLRSQLLLLACVHNYQPCVQRAEGYFRKWKESNGNLSLPV
DVTLAVFAVGAQSTEGWDFLYSKYQFSLSSTEKSQIEFALCRTQNKEKLQWLLDESFKGDKIKTQEFPQILTLIGRNPVG
YPLAWQFLRKNWNKLVQKFELGSSSIAHMVMGTTNQFSTRTRLEEVKGFFSSLKENGSQLRCVQQTIETIEENIGWMDKN
FDKIRVWLQSEKLERKK
;
_entity_poly.pdbx_strand_id   A
#
loop_
_chem_comp.id
_chem_comp.type
_chem_comp.name
_chem_comp.formula
BES non-polymer '2-(3-AMINO-2-HYDROXY-4-PHENYL-BUTYRYLAMINO)-4-METHYL-PENTANOIC ACID' 'C16 H24 N2 O4'
EDO non-polymer 1,2-ETHANEDIOL 'C2 H6 O2'
K non-polymer 'POTASSIUM ION' 'K 1'
NAG D-saccharide, beta linking 2-acetamido-2-deoxy-beta-D-glucopyranose 'C8 H15 N O6'
ZN non-polymer 'ZINC ION' 'Zn 2'
#
# COMPACT_ATOMS: atom_id res chain seq x y z
N PRO A 1 -26.84 -0.24 32.90
CA PRO A 1 -26.30 0.76 31.92
C PRO A 1 -24.74 0.74 31.90
N PHE A 2 -24.13 0.61 30.72
CA PHE A 2 -22.66 0.67 30.63
C PHE A 2 -22.13 2.06 31.07
N PRO A 3 -21.15 2.10 31.95
CA PRO A 3 -20.78 3.38 32.57
C PRO A 3 -19.82 4.26 31.79
N TRP A 4 -19.63 4.04 30.50
CA TRP A 4 -18.75 4.92 29.75
C TRP A 4 -19.26 4.92 28.35
N ASN A 5 -19.51 6.12 27.83
CA ASN A 5 -20.15 6.31 26.53
C ASN A 5 -19.29 7.04 25.49
N LYS A 6 -17.99 6.81 25.45
CA LYS A 6 -17.14 7.36 24.39
C LYS A 6 -16.34 6.20 23.77
N ILE A 7 -16.02 6.35 22.48
CA ILE A 7 -15.18 5.40 21.79
C ILE A 7 -13.76 5.47 22.34
N ARG A 8 -13.30 6.66 22.66
CA ARG A 8 -11.94 6.81 23.18
C ARG A 8 -11.98 6.39 24.64
N LEU A 9 -10.89 5.76 25.09
CA LEU A 9 -10.76 5.37 26.50
C LEU A 9 -10.53 6.58 27.40
N PRO A 10 -10.93 6.46 28.66
CA PRO A 10 -10.57 7.44 29.65
C PRO A 10 -9.07 7.70 29.64
N GLU A 11 -8.67 8.91 29.97
CA GLU A 11 -7.26 9.30 29.97
C GLU A 11 -6.54 8.97 31.27
N TYR A 12 -7.29 8.76 32.35
CA TYR A 12 -6.72 8.75 33.70
C TYR A 12 -6.41 7.35 34.27
N VAL A 13 -6.45 6.30 33.47
CA VAL A 13 -5.96 4.99 33.91
C VAL A 13 -4.91 4.55 32.92
N ILE A 14 -3.67 4.45 33.40
CA ILE A 14 -2.56 4.29 32.53
C ILE A 14 -1.93 2.98 32.89
N PRO A 15 -1.70 2.09 31.89
CA PRO A 15 -0.87 0.91 32.09
C PRO A 15 0.61 1.20 31.96
N VAL A 16 1.44 0.46 32.70
CA VAL A 16 2.92 0.51 32.53
C VAL A 16 3.51 -0.81 32.04
N HIS A 17 2.91 -1.93 32.41
CA HIS A 17 3.43 -3.26 32.04
C HIS A 17 2.32 -4.30 31.87
N TYR A 18 2.42 -5.09 30.81
CA TYR A 18 1.55 -6.24 30.59
C TYR A 18 2.36 -7.51 30.73
N ASP A 19 1.75 -8.53 31.31
CA ASP A 19 2.31 -9.86 31.35
C ASP A 19 1.30 -10.73 30.65
N LEU A 20 1.64 -11.28 29.49
CA LEU A 20 0.65 -11.98 28.67
C LEU A 20 0.94 -13.49 28.59
N LEU A 21 0.01 -14.33 29.02
CA LEU A 21 0.09 -15.78 28.78
C LEU A 21 -0.93 -16.20 27.74
N ILE A 22 -0.48 -16.91 26.70
CA ILE A 22 -1.33 -17.32 25.59
C ILE A 22 -1.10 -18.80 25.39
N HIS A 23 -2.16 -19.60 25.51
CA HIS A 23 -2.10 -21.03 25.27
C HIS A 23 -3.08 -21.32 24.16
N ALA A 24 -2.53 -21.71 22.99
CA ALA A 24 -3.33 -21.95 21.77
C ALA A 24 -3.36 -23.42 21.47
N ASN A 25 -4.52 -23.84 20.96
CA ASN A 25 -4.69 -25.19 20.49
C ASN A 25 -4.97 -25.16 19.00
N LEU A 26 -3.98 -25.66 18.27
CA LEU A 26 -3.98 -25.62 16.84
C LEU A 26 -4.80 -26.76 16.26
N THR A 27 -5.27 -27.69 17.10
CA THR A 27 -6.13 -28.77 16.63
C THR A 27 -7.60 -28.45 16.88
N THR A 28 -7.92 -27.79 17.99
CA THR A 28 -9.31 -27.41 18.29
C THR A 28 -9.57 -25.95 17.93
N LEU A 29 -8.54 -25.22 17.50
CA LEU A 29 -8.67 -23.83 17.05
C LEU A 29 -9.20 -22.94 18.17
N THR A 30 -8.75 -23.20 19.38
CA THR A 30 -9.16 -22.47 20.57
C THR A 30 -7.94 -21.88 21.20
N PHE A 31 -8.14 -20.86 22.04
CA PHE A 31 -7.06 -20.37 22.87
C PHE A 31 -7.54 -19.81 24.20
N TRP A 32 -6.66 -19.93 25.20
CA TRP A 32 -6.89 -19.42 26.53
C TRP A 32 -5.79 -18.44 26.87
N GLY A 33 -6.15 -17.37 27.56
CA GLY A 33 -5.17 -16.43 28.04
C GLY A 33 -5.35 -15.92 29.47
N THR A 34 -4.24 -15.45 29.99
CA THR A 34 -4.21 -14.70 31.21
C THR A 34 -3.37 -13.45 31.00
N THR A 35 -4.06 -12.30 31.02
CA THR A 35 -3.49 -10.96 30.95
C THR A 35 -3.39 -10.41 32.35
N LYS A 36 -2.19 -9.93 32.70
CA LYS A 36 -1.98 -9.12 33.89
C LYS A 36 -1.44 -7.77 33.45
N VAL A 37 -2.09 -6.69 33.82
CA VAL A 37 -1.55 -5.39 33.47
C VAL A 37 -1.46 -4.52 34.69
N GLU A 38 -0.27 -3.98 34.95
CA GLU A 38 -0.03 -3.03 36.01
C GLU A 38 -0.45 -1.63 35.57
N ILE A 39 -1.23 -0.98 36.41
CA ILE A 39 -1.87 0.30 36.09
C ILE A 39 -1.74 1.30 37.27
N THR A 40 -1.98 2.59 37.02
CA THR A 40 -2.18 3.59 38.07
C THR A 40 -3.22 4.56 37.56
N ALA A 41 -3.91 5.20 38.51
CA ALA A 41 -4.99 6.11 38.22
C ALA A 41 -4.58 7.53 38.61
N SER A 42 -4.77 8.49 37.69
CA SER A 42 -4.49 9.88 37.98
C SER A 42 -5.71 10.63 38.52
N GLN A 43 -6.93 10.17 38.24
CA GLN A 43 -8.16 10.65 38.95
C GLN A 43 -8.68 9.49 39.76
N PRO A 44 -9.51 9.73 40.79
CA PRO A 44 -10.12 8.60 41.51
C PRO A 44 -11.32 7.96 40.78
N THR A 45 -11.41 6.63 40.84
CA THR A 45 -12.41 5.88 40.06
C THR A 45 -12.57 4.50 40.63
N SER A 46 -13.78 3.93 40.60
CA SER A 46 -13.89 2.51 40.93
C SER A 46 -14.29 1.65 39.72
N THR A 47 -14.05 2.18 38.53
CA THR A 47 -14.37 1.57 37.26
C THR A 47 -13.13 1.64 36.39
N ILE A 48 -12.83 0.56 35.69
CA ILE A 48 -11.75 0.55 34.73
C ILE A 48 -12.30 0.10 33.42
N ILE A 49 -12.16 0.96 32.40
CA ILE A 49 -12.57 0.65 31.03
C ILE A 49 -11.35 0.25 30.24
N LEU A 50 -11.43 -0.90 29.61
CA LEU A 50 -10.43 -1.27 28.61
C LEU A 50 -11.08 -2.04 27.48
N HIS A 51 -10.29 -2.39 26.47
CA HIS A 51 -10.81 -2.94 25.21
C HIS A 51 -10.81 -4.46 25.23
N SER A 52 -11.82 -5.01 24.60
CA SER A 52 -11.91 -6.44 24.46
C SER A 52 -12.90 -6.69 23.36
N HIS A 53 -12.54 -7.54 22.40
CA HIS A 53 -13.44 -7.85 21.27
C HIS A 53 -13.48 -9.36 21.10
N HIS A 54 -14.65 -9.95 21.22
CA HIS A 54 -14.80 -11.40 21.01
C HIS A 54 -13.93 -12.30 21.85
N LEU A 55 -13.60 -11.89 23.08
CA LEU A 55 -13.08 -12.81 24.11
C LEU A 55 -14.17 -13.08 25.13
N GLN A 56 -14.26 -14.32 25.66
CA GLN A 56 -15.13 -14.64 26.78
C GLN A 56 -14.27 -14.51 28.00
N ILE A 57 -14.58 -13.53 28.85
CA ILE A 57 -13.86 -13.29 30.08
C ILE A 57 -14.54 -14.14 31.16
N SER A 58 -13.77 -14.92 31.91
CA SER A 58 -14.37 -15.76 32.94
C SER A 58 -14.16 -15.15 34.32
N ARG A 59 -13.15 -14.28 34.46
CA ARG A 59 -12.74 -13.80 35.76
C ARG A 59 -11.75 -12.63 35.69
N ALA A 60 -11.97 -11.64 36.56
CA ALA A 60 -11.19 -10.44 36.55
C ALA A 60 -10.98 -10.10 38.00
N THR A 61 -9.73 -9.88 38.39
CA THR A 61 -9.43 -9.47 39.74
C THR A 61 -8.47 -8.26 39.79
N LEU A 62 -8.44 -7.61 40.94
CA LEU A 62 -7.60 -6.45 41.14
C LEU A 62 -6.67 -6.75 42.31
N ARG A 63 -5.38 -6.63 42.05
CA ARG A 63 -4.38 -6.73 43.12
C ARG A 63 -3.85 -5.38 43.57
N LYS A 64 -3.58 -5.24 44.87
CA LYS A 64 -3.13 -3.98 45.47
C LYS A 64 -1.67 -4.18 45.82
N GLY A 65 -0.80 -3.58 44.99
CA GLY A 65 0.67 -3.78 44.98
C GLY A 65 1.24 -4.07 43.56
N LEU A 70 -0.53 -8.58 47.59
CA LEU A 70 -0.99 -9.07 48.88
C LEU A 70 -2.53 -9.24 48.82
N SER A 71 -3.23 -8.10 48.82
CA SER A 71 -4.70 -8.10 48.80
C SER A 71 -5.23 -8.31 47.39
N GLU A 72 -6.26 -9.15 47.24
CA GLU A 72 -6.93 -9.40 45.96
C GLU A 72 -8.44 -9.25 46.08
N GLU A 73 -9.07 -8.70 45.04
CA GLU A 73 -10.53 -8.50 45.03
C GLU A 73 -11.10 -8.85 43.67
N PRO A 74 -12.32 -9.41 43.65
CA PRO A 74 -12.95 -9.72 42.36
C PRO A 74 -13.61 -8.50 41.75
N LEU A 75 -13.52 -8.38 40.44
CA LEU A 75 -14.07 -7.26 39.74
C LEU A 75 -15.32 -7.75 38.99
N GLN A 76 -16.37 -6.94 39.03
CA GLN A 76 -17.55 -7.20 38.24
C GLN A 76 -17.23 -6.88 36.77
N VAL A 77 -17.61 -7.76 35.84
CA VAL A 77 -17.38 -7.50 34.41
C VAL A 77 -18.66 -7.11 33.67
N LEU A 78 -18.64 -5.92 33.08
CA LEU A 78 -19.66 -5.47 32.13
C LEU A 78 -19.04 -5.37 30.74
N GLU A 79 -19.88 -5.52 29.71
CA GLU A 79 -19.48 -5.70 28.31
C GLU A 79 -20.17 -4.59 27.46
N HIS A 80 -19.49 -3.93 26.52
CA HIS A 80 -20.15 -3.04 25.51
C HIS A 80 -19.66 -3.36 24.12
N PRO A 81 -20.33 -4.29 23.45
CA PRO A 81 -19.66 -4.90 22.30
C PRO A 81 -19.45 -3.89 21.15
N ARG A 82 -20.35 -2.91 21.00
CA ARG A 82 -20.18 -1.91 19.96
C ARG A 82 -18.97 -1.01 20.18
N GLN A 83 -18.85 -0.50 21.40
CA GLN A 83 -17.65 0.26 21.77
C GLN A 83 -16.44 -0.66 21.89
N GLU A 84 -16.60 -1.98 21.86
CA GLU A 84 -15.46 -2.87 21.94
C GLU A 84 -14.68 -2.68 23.28
N GLN A 85 -15.43 -2.45 24.34
CA GLN A 85 -14.95 -2.18 25.67
C GLN A 85 -15.58 -3.14 26.71
N ILE A 86 -14.84 -3.38 27.80
CA ILE A 86 -15.39 -3.99 29.00
C ILE A 86 -15.22 -2.99 30.17
N ALA A 87 -16.16 -3.00 31.11
CA ALA A 87 -15.99 -2.23 32.34
C ALA A 87 -15.74 -3.22 33.45
N LEU A 88 -14.65 -2.96 34.18
CA LEU A 88 -14.30 -3.74 35.33
C LEU A 88 -14.66 -2.90 36.55
N LEU A 89 -15.50 -3.43 37.42
CA LEU A 89 -16.04 -2.66 38.55
C LEU A 89 -15.44 -3.05 39.91
N ALA A 90 -14.67 -2.14 40.49
CA ALA A 90 -14.04 -2.39 41.78
C ALA A 90 -14.99 -2.14 42.95
N PRO A 91 -14.89 -2.99 44.01
CA PRO A 91 -15.77 -2.76 45.18
C PRO A 91 -15.32 -1.57 45.98
N GLU A 92 -14.06 -1.20 45.81
CA GLU A 92 -13.47 -0.02 46.46
C GLU A 92 -12.85 0.84 45.39
N PRO A 93 -12.80 2.16 45.61
CA PRO A 93 -12.05 2.97 44.59
C PRO A 93 -10.56 2.72 44.54
N LEU A 94 -9.99 2.99 43.37
CA LEU A 94 -8.55 3.01 43.22
C LEU A 94 -8.07 4.31 43.87
N LEU A 95 -7.04 4.19 44.72
CA LEU A 95 -6.35 5.33 45.26
C LEU A 95 -5.33 5.94 44.26
N VAL A 96 -5.38 7.25 44.07
CA VAL A 96 -4.51 7.92 43.09
C VAL A 96 -3.00 7.71 43.36
N GLY A 97 -2.28 7.34 42.31
CA GLY A 97 -0.84 7.26 42.39
C GLY A 97 -0.28 5.94 42.83
N LEU A 98 -1.10 5.14 43.51
CA LEU A 98 -0.75 3.78 43.97
C LEU A 98 -0.85 2.76 42.84
N PRO A 99 -0.01 1.70 42.89
CA PRO A 99 0.02 0.67 41.82
C PRO A 99 -1.00 -0.44 42.02
N TYR A 100 -1.63 -0.85 40.94
CA TYR A 100 -2.57 -1.94 40.97
C TYR A 100 -2.23 -2.90 39.84
N THR A 101 -2.55 -4.16 39.99
CA THR A 101 -2.46 -5.09 38.87
C THR A 101 -3.84 -5.62 38.58
N VAL A 102 -4.26 -5.55 37.35
CA VAL A 102 -5.55 -6.11 36.95
C VAL A 102 -5.24 -7.43 36.31
N VAL A 103 -5.94 -8.48 36.71
CA VAL A 103 -5.68 -9.84 36.21
C VAL A 103 -6.96 -10.40 35.58
N ILE A 104 -6.88 -10.79 34.31
CA ILE A 104 -8.03 -11.24 33.55
C ILE A 104 -7.70 -12.60 32.93
N HIS A 105 -8.54 -13.59 33.21
CA HIS A 105 -8.55 -14.88 32.57
C HIS A 105 -9.68 -14.90 31.53
N TYR A 106 -9.37 -15.37 30.33
CA TYR A 106 -10.34 -15.41 29.24
C TYR A 106 -10.02 -16.51 28.22
N ALA A 107 -10.89 -16.67 27.24
CA ALA A 107 -10.71 -17.63 26.16
C ALA A 107 -11.24 -17.08 24.86
N GLY A 108 -10.69 -17.58 23.76
CA GLY A 108 -11.21 -17.26 22.44
C GLY A 108 -11.11 -18.39 21.43
N ASN A 109 -11.67 -18.14 20.24
CA ASN A 109 -11.47 -18.96 19.07
C ASN A 109 -10.48 -18.32 18.15
N LEU A 110 -9.64 -19.12 17.49
CA LEU A 110 -8.65 -18.52 16.61
C LEU A 110 -9.54 -17.88 15.58
N SER A 111 -9.14 -16.69 15.15
CA SER A 111 -9.90 -15.98 14.13
C SER A 111 -9.75 -16.70 12.80
N GLU A 112 -10.81 -16.65 12.00
CA GLU A 112 -10.82 -17.23 10.65
C GLU A 112 -10.63 -16.14 9.60
N THR A 113 -10.38 -14.90 10.06
CA THR A 113 -10.15 -13.78 9.17
C THR A 113 -8.66 -13.62 9.06
N PHE A 114 -8.21 -12.47 8.59
CA PHE A 114 -6.77 -12.23 8.52
C PHE A 114 -6.31 -11.28 9.61
N HIS A 115 -7.12 -11.06 10.64
CA HIS A 115 -6.69 -10.16 11.74
C HIS A 115 -6.93 -10.80 13.08
N GLY A 116 -6.40 -10.15 14.11
CA GLY A 116 -6.34 -10.72 15.46
C GLY A 116 -5.33 -11.84 15.60
N PHE A 117 -5.69 -12.85 16.40
CA PHE A 117 -4.88 -14.05 16.55
C PHE A 117 -5.50 -15.08 15.63
N TYR A 118 -4.90 -15.29 14.47
CA TYR A 118 -5.64 -15.98 13.38
C TYR A 118 -4.97 -17.24 12.84
N LYS A 119 -5.80 -18.07 12.20
CA LYS A 119 -5.40 -19.35 11.61
C LYS A 119 -4.93 -19.18 10.19
N SER A 120 -3.83 -19.87 9.87
CA SER A 120 -3.25 -19.86 8.54
C SER A 120 -2.87 -21.29 8.20
N THR A 121 -3.05 -21.69 6.94
CA THR A 121 -2.75 -23.04 6.53
C THR A 121 -1.84 -23.11 5.31
N TYR A 122 -1.23 -24.24 5.12
CA TYR A 122 -0.47 -24.51 3.93
C TYR A 122 -0.42 -26.02 3.69
N ARG A 123 0.08 -26.39 2.50
CA ARG A 123 0.15 -27.76 2.02
C ARG A 123 1.60 -28.16 2.01
N THR A 124 1.93 -29.35 2.48
CA THR A 124 3.31 -29.88 2.27
C THR A 124 3.47 -30.33 0.84
N LYS A 125 4.70 -30.30 0.33
CA LYS A 125 4.94 -30.82 -1.04
C LYS A 125 4.47 -32.25 -1.20
N GLU A 126 4.34 -32.99 -0.10
CA GLU A 126 3.66 -34.32 -0.13
C GLU A 126 2.11 -34.28 0.00
N GLY A 127 1.50 -33.09 -0.07
CA GLY A 127 0.03 -32.96 -0.04
C GLY A 127 -0.67 -32.88 1.33
N GLU A 128 0.08 -32.88 2.44
CA GLU A 128 -0.53 -32.80 3.78
C GLU A 128 -0.86 -31.34 4.24
N LEU A 129 -2.07 -31.13 4.76
CA LEU A 129 -2.47 -29.81 5.27
C LEU A 129 -1.80 -29.52 6.61
N ARG A 130 -1.35 -28.29 6.78
CA ARG A 130 -0.66 -27.85 8.00
C ARG A 130 -1.22 -26.51 8.48
N ILE A 131 -1.42 -26.40 9.79
CA ILE A 131 -1.96 -25.24 10.44
C ILE A 131 -0.88 -24.51 11.24
N LEU A 132 -0.88 -23.18 11.16
CA LEU A 132 -0.12 -22.35 12.06
C LEU A 132 -1.02 -21.17 12.54
N ALA A 133 -0.55 -20.44 13.53
CA ALA A 133 -1.33 -19.41 14.14
C ALA A 133 -0.43 -18.22 14.26
N SER A 134 -0.89 -17.10 13.74
CA SER A 134 -0.10 -15.91 13.63
C SER A 134 -0.96 -14.76 14.08
N THR A 135 -0.39 -13.57 14.15
CA THR A 135 -1.12 -12.41 14.62
C THR A 135 -1.04 -11.23 13.65
N GLN A 136 -2.06 -10.38 13.67
CA GLN A 136 -1.99 -9.06 13.01
C GLN A 136 -2.94 -8.15 13.72
N PHE A 137 -2.39 -7.17 14.42
CA PHE A 137 -3.24 -6.30 15.26
C PHE A 137 -3.45 -4.86 14.77
N GLU A 138 -2.51 -4.32 14.00
CA GLU A 138 -2.66 -2.93 13.54
C GLU A 138 -3.88 -2.74 12.66
N PRO A 139 -4.76 -1.80 12.99
CA PRO A 139 -4.75 -0.85 14.12
C PRO A 139 -5.41 -1.29 15.45
N THR A 140 -6.52 -2.04 15.41
CA THR A 140 -7.36 -2.25 16.60
C THR A 140 -7.67 -3.71 16.92
N ALA A 141 -6.85 -4.63 16.45
CA ALA A 141 -7.16 -6.03 16.67
C ALA A 141 -6.41 -6.63 17.87
N ALA A 142 -5.42 -5.95 18.42
CA ALA A 142 -4.77 -6.47 19.63
C ALA A 142 -5.81 -6.96 20.65
N ARG A 143 -6.84 -6.14 20.83
CA ARG A 143 -7.96 -6.43 21.71
C ARG A 143 -8.79 -7.70 21.44
N MET A 144 -8.47 -8.43 20.36
CA MET A 144 -9.11 -9.70 20.03
C MET A 144 -8.27 -10.84 20.50
N ALA A 145 -6.98 -10.58 20.80
CA ALA A 145 -6.02 -11.56 21.34
C ALA A 145 -5.91 -11.45 22.84
N PHE A 146 -5.91 -10.23 23.35
CA PHE A 146 -5.83 -9.99 24.79
C PHE A 146 -6.48 -8.64 25.16
N PRO A 147 -7.20 -8.60 26.28
CA PRO A 147 -7.80 -7.36 26.76
C PRO A 147 -6.74 -6.34 27.12
N CYS A 148 -6.93 -5.10 26.74
CA CYS A 148 -5.87 -4.11 26.92
C CYS A 148 -6.38 -2.68 26.68
N PHE A 149 -5.53 -1.70 26.96
CA PHE A 149 -5.83 -0.30 26.71
C PHE A 149 -5.34 -0.08 25.28
N ASP A 150 -6.19 -0.41 24.31
CA ASP A 150 -5.80 -0.56 22.89
C ASP A 150 -5.82 0.73 22.08
N GLU A 151 -4.98 1.68 22.50
CA GLU A 151 -4.73 2.89 21.74
C GLU A 151 -3.23 3.08 21.76
N PRO A 152 -2.68 3.58 20.66
CA PRO A 152 -1.25 3.66 20.48
C PRO A 152 -0.47 4.52 21.50
N ALA A 153 -1.12 5.49 22.14
CA ALA A 153 -0.42 6.36 23.11
C ALA A 153 -0.29 5.78 24.51
N PHE A 154 -0.95 4.64 24.79
CA PHE A 154 -0.78 3.98 26.09
C PHE A 154 0.34 2.99 25.93
N LYS A 155 1.56 3.47 25.86
CA LYS A 155 2.69 2.61 25.59
C LYS A 155 3.07 1.88 26.87
N ALA A 156 3.57 0.65 26.73
CA ALA A 156 3.89 -0.18 27.89
C ALA A 156 4.91 -1.22 27.54
N SER A 157 5.51 -1.85 28.53
CA SER A 157 6.36 -3.03 28.28
C SER A 157 5.53 -4.33 28.31
N PHE A 158 6.01 -5.34 27.57
CA PHE A 158 5.31 -6.60 27.44
C PHE A 158 6.21 -7.80 27.67
N SER A 159 5.75 -8.71 28.53
CA SER A 159 6.41 -10.00 28.79
C SER A 159 5.50 -11.07 28.31
N ILE A 160 5.93 -11.82 27.29
CA ILE A 160 5.03 -12.72 26.60
C ILE A 160 5.43 -14.16 26.83
N LYS A 161 4.41 -14.96 27.19
CA LYS A 161 4.54 -16.40 27.39
C LYS A 161 3.57 -17.16 26.48
N ILE A 162 4.11 -18.10 25.71
CA ILE A 162 3.32 -18.89 24.82
C ILE A 162 3.46 -20.31 25.29
N ARG A 163 2.35 -20.97 25.60
CA ARG A 163 2.36 -22.41 25.77
C ARG A 163 1.99 -23.14 24.47
N ARG A 164 2.68 -24.24 24.19
CA ARG A 164 2.54 -24.93 22.94
C ARG A 164 2.98 -26.38 23.06
N GLU A 165 2.82 -27.16 21.98
CA GLU A 165 3.24 -28.57 21.98
C GLU A 165 4.67 -28.66 21.49
N PRO A 166 5.35 -29.75 21.80
CA PRO A 166 6.74 -29.95 21.42
C PRO A 166 7.04 -29.86 19.93
N ARG A 167 6.07 -30.23 19.11
CA ARG A 167 6.27 -30.26 17.67
C ARG A 167 6.23 -28.90 17.08
N HIS A 168 5.83 -27.90 17.86
CA HIS A 168 5.75 -26.55 17.36
C HIS A 168 6.89 -25.68 17.87
N LEU A 169 7.08 -24.58 17.16
CA LEU A 169 8.02 -23.54 17.48
C LEU A 169 7.21 -22.24 17.72
N ALA A 170 7.51 -21.49 18.77
CA ALA A 170 6.87 -20.18 18.95
C ALA A 170 7.92 -19.12 18.83
N ILE A 171 7.52 -17.97 18.27
CA ILE A 171 8.37 -16.77 18.18
C ILE A 171 7.54 -15.55 18.44
N SER A 172 8.17 -14.53 19.01
CA SER A 172 7.48 -13.30 19.37
C SER A 172 8.41 -12.09 19.15
N ASN A 173 8.09 -10.93 19.72
CA ASN A 173 8.89 -9.71 19.50
C ASN A 173 10.33 -9.87 19.92
N MET A 174 10.55 -10.52 21.05
CA MET A 174 11.89 -10.58 21.61
C MET A 174 12.47 -11.99 21.66
N PRO A 175 13.77 -12.12 21.92
CA PRO A 175 14.34 -13.47 22.03
C PRO A 175 13.68 -14.32 23.12
N LEU A 176 13.82 -15.63 22.94
CA LEU A 176 13.37 -16.64 23.87
C LEU A 176 14.37 -16.67 25.00
N VAL A 177 13.92 -16.43 26.22
CA VAL A 177 14.82 -16.48 27.34
C VAL A 177 14.95 -17.95 27.80
N LYS A 178 13.81 -18.66 27.86
CA LYS A 178 13.80 -20.07 28.30
C LYS A 178 12.51 -20.80 27.91
N SER A 179 12.56 -22.13 27.98
CA SER A 179 11.42 -23.01 27.64
C SER A 179 11.19 -23.94 28.81
N VAL A 180 9.99 -23.96 29.34
CA VAL A 180 9.74 -24.70 30.52
C VAL A 180 8.66 -25.76 30.25
N THR A 181 8.93 -26.99 30.62
CA THR A 181 7.94 -28.03 30.55
C THR A 181 6.96 -27.86 31.71
N VAL A 182 5.69 -27.56 31.40
CA VAL A 182 4.68 -27.30 32.43
C VAL A 182 3.76 -28.45 32.62
N ALA A 183 3.57 -29.25 31.58
CA ALA A 183 2.92 -30.56 31.71
C ALA A 183 3.42 -31.49 30.62
N GLU A 184 3.02 -32.74 30.73
CA GLU A 184 3.19 -33.72 29.67
C GLU A 184 2.57 -33.11 28.39
N GLY A 185 3.40 -32.95 27.37
CA GLY A 185 2.98 -32.50 26.05
C GLY A 185 2.77 -31.02 25.93
N LEU A 186 3.33 -30.25 26.87
CA LEU A 186 3.09 -28.81 26.92
C LEU A 186 4.30 -28.08 27.47
N ILE A 187 4.83 -27.17 26.66
CA ILE A 187 6.00 -26.36 26.94
C ILE A 187 5.61 -24.88 26.99
N GLU A 188 6.16 -24.17 27.96
CA GLU A 188 5.95 -22.73 28.06
C GLU A 188 7.20 -22.01 27.64
N ASP A 189 7.10 -21.18 26.62
CA ASP A 189 8.19 -20.37 26.15
C ASP A 189 8.02 -18.98 26.71
N HIS A 190 9.13 -18.49 27.26
CA HIS A 190 9.20 -17.19 27.95
C HIS A 190 10.06 -16.26 27.11
N PHE A 191 9.46 -15.20 26.60
CA PHE A 191 10.18 -14.20 25.84
C PHE A 191 10.59 -13.04 26.72
N ASP A 192 11.66 -12.39 26.34
CA ASP A 192 12.19 -11.34 27.14
C ASP A 192 11.25 -10.15 27.14
N VAL A 193 11.25 -9.37 28.22
CA VAL A 193 10.40 -8.20 28.28
C VAL A 193 10.81 -7.23 27.18
N THR A 194 9.81 -6.67 26.50
CA THR A 194 10.01 -5.65 25.47
C THR A 194 10.34 -4.28 26.06
N VAL A 195 10.81 -3.40 25.19
CA VAL A 195 10.87 -1.96 25.45
C VAL A 195 9.46 -1.39 25.44
N LYS A 196 9.29 -0.14 25.90
CA LYS A 196 7.99 0.53 25.89
C LYS A 196 7.47 0.55 24.44
N MET A 197 6.23 0.09 24.25
CA MET A 197 5.62 0.10 22.90
C MET A 197 4.09 0.07 22.95
N SER A 198 3.52 0.40 21.80
CA SER A 198 2.07 0.35 21.57
C SER A 198 1.56 -1.09 21.49
N THR A 199 0.29 -1.28 21.90
CA THR A 199 -0.29 -2.61 21.83
C THR A 199 -0.33 -3.18 20.43
N TYR A 200 -0.51 -2.33 19.41
CA TYR A 200 -0.70 -2.89 18.04
C TYR A 200 0.54 -3.57 17.48
N LEU A 201 1.66 -3.41 18.16
CA LEU A 201 2.92 -4.01 17.73
C LEU A 201 3.23 -5.38 18.35
N VAL A 202 2.43 -5.86 19.29
CA VAL A 202 2.69 -7.16 19.88
C VAL A 202 2.51 -8.17 18.79
N ALA A 203 3.39 -9.15 18.74
CA ALA A 203 3.23 -10.22 17.77
C ALA A 203 3.62 -11.54 18.37
N PHE A 204 2.94 -12.59 17.92
CA PHE A 204 3.42 -13.95 18.14
C PHE A 204 2.99 -14.89 17.05
N ILE A 205 3.78 -15.94 16.84
CA ILE A 205 3.48 -16.94 15.81
C ILE A 205 3.82 -18.33 16.33
N ILE A 206 2.91 -19.27 16.13
CA ILE A 206 3.12 -20.67 16.47
C ILE A 206 3.03 -21.48 15.17
N SER A 207 4.11 -22.14 14.78
CA SER A 207 4.22 -22.78 13.48
C SER A 207 5.24 -23.91 13.54
N ASP A 208 5.55 -24.51 12.39
CA ASP A 208 6.72 -25.43 12.25
C ASP A 208 7.73 -24.84 11.27
N PHE A 209 7.79 -23.52 11.26
CA PHE A 209 8.73 -22.80 10.41
C PHE A 209 10.18 -23.20 10.61
N GLU A 210 10.95 -22.93 9.57
CA GLU A 210 12.39 -23.06 9.54
C GLU A 210 12.95 -21.71 9.32
N SER A 211 14.26 -21.59 9.53
CA SER A 211 14.92 -20.27 9.48
C SER A 211 16.34 -20.28 8.94
N VAL A 212 16.73 -19.14 8.40
CA VAL A 212 18.14 -18.86 8.09
C VAL A 212 18.42 -17.53 8.72
N SER A 213 19.70 -17.27 9.01
CA SER A 213 20.06 -16.09 9.79
C SER A 213 21.44 -15.51 9.52
N LYS A 214 21.63 -14.25 9.85
CA LYS A 214 22.89 -13.58 9.62
C LYS A 214 23.01 -12.50 10.71
N ILE A 215 24.24 -12.18 11.14
CA ILE A 215 24.43 -11.16 12.18
C ILE A 215 24.87 -9.86 11.54
N THR A 216 24.23 -8.74 11.88
CA THR A 216 24.69 -7.42 11.40
C THR A 216 26.08 -7.10 12.01
N LYS A 217 26.76 -6.10 11.45
CA LYS A 217 28.01 -5.58 12.04
C LYS A 217 27.80 -5.05 13.49
N SER A 218 26.56 -4.64 13.80
CA SER A 218 26.20 -4.09 15.07
C SER A 218 25.68 -5.17 16.02
N GLY A 219 25.83 -6.45 15.64
CA GLY A 219 25.43 -7.57 16.53
C GLY A 219 23.97 -7.99 16.54
N VAL A 220 23.14 -7.44 15.65
CA VAL A 220 21.71 -7.85 15.61
C VAL A 220 21.61 -9.14 14.82
N LYS A 221 20.96 -10.14 15.43
CA LYS A 221 20.63 -11.36 14.73
C LYS A 221 19.38 -11.20 13.83
N VAL A 222 19.60 -11.24 12.53
CA VAL A 222 18.48 -11.16 11.62
C VAL A 222 18.12 -12.54 11.14
N SER A 223 16.84 -12.86 11.09
CA SER A 223 16.44 -14.17 10.62
C SER A 223 15.23 -14.07 9.73
N VAL A 224 15.19 -14.92 8.71
CA VAL A 224 13.98 -15.09 7.94
C VAL A 224 13.34 -16.47 8.27
N TYR A 225 12.04 -16.48 8.46
CA TYR A 225 11.29 -17.69 8.73
C TYR A 225 10.28 -17.90 7.61
N ALA A 226 10.13 -19.17 7.24
CA ALA A 226 9.20 -19.59 6.22
C ALA A 226 8.89 -21.08 6.38
N VAL A 227 7.93 -21.59 5.63
CA VAL A 227 7.56 -22.98 5.74
C VAL A 227 8.73 -23.77 5.18
N PRO A 228 8.89 -25.03 5.60
CA PRO A 228 10.09 -25.83 5.24
C PRO A 228 10.38 -25.98 3.75
N ASP A 229 9.34 -26.12 2.93
CA ASP A 229 9.48 -26.27 1.48
C ASP A 229 9.89 -24.98 0.74
N LYS A 230 9.74 -23.83 1.40
CA LYS A 230 10.09 -22.54 0.81
C LYS A 230 11.30 -21.79 1.43
N ILE A 231 11.92 -22.35 2.46
CA ILE A 231 13.02 -21.65 3.17
C ILE A 231 14.24 -21.42 2.26
N ASN A 232 14.45 -22.26 1.26
CA ASN A 232 15.48 -21.95 0.27
C ASN A 232 15.19 -20.73 -0.61
N GLN A 233 14.10 -20.01 -0.40
CA GLN A 233 13.88 -18.76 -1.12
C GLN A 233 14.09 -17.53 -0.24
N ALA A 234 14.60 -17.75 0.98
CA ALA A 234 14.84 -16.67 1.96
C ALA A 234 16.14 -15.88 1.81
N ASP A 235 17.07 -16.35 0.99
CA ASP A 235 18.42 -15.78 0.96
C ASP A 235 18.49 -14.32 0.55
N TYR A 236 17.68 -13.94 -0.43
CA TYR A 236 17.75 -12.60 -0.97
C TYR A 236 17.24 -11.61 0.07
N ALA A 237 16.10 -11.89 0.68
CA ALA A 237 15.53 -11.03 1.73
C ALA A 237 16.45 -10.91 2.96
N LEU A 238 17.14 -11.98 3.31
CA LEU A 238 18.09 -11.95 4.44
C LEU A 238 19.24 -10.96 4.18
N ASP A 239 19.93 -11.09 3.03
CA ASP A 239 21.01 -10.14 2.64
C ASP A 239 20.44 -8.73 2.69
N ALA A 240 19.23 -8.55 2.16
CA ALA A 240 18.64 -7.22 2.05
C ALA A 240 18.37 -6.63 3.46
N ALA A 241 17.80 -7.44 4.34
CA ALA A 241 17.49 -7.01 5.69
C ALA A 241 18.75 -6.57 6.43
N VAL A 242 19.83 -7.28 6.28
CA VAL A 242 21.04 -6.96 7.01
C VAL A 242 21.51 -5.60 6.49
N THR A 243 21.60 -5.44 5.19
CA THR A 243 22.11 -4.22 4.60
C THR A 243 21.27 -3.00 4.96
N LEU A 244 19.95 -3.18 4.93
CA LEU A 244 19.07 -2.09 5.14
C LEU A 244 19.05 -1.67 6.63
N LEU A 245 19.02 -2.65 7.53
CA LEU A 245 19.10 -2.37 8.93
C LEU A 245 20.35 -1.60 9.24
N GLU A 246 21.47 -2.03 8.67
CA GLU A 246 22.75 -1.33 8.88
C GLU A 246 22.71 0.10 8.37
N PHE A 247 22.03 0.27 7.24
CA PHE A 247 21.90 1.56 6.61
C PHE A 247 21.20 2.52 7.58
N TYR A 248 20.09 2.05 8.15
CA TYR A 248 19.26 2.96 8.94
C TYR A 248 19.93 3.34 10.27
N GLU A 249 20.63 2.38 10.86
CA GLU A 249 21.34 2.61 12.08
C GLU A 249 22.30 3.75 11.84
N ASP A 250 22.84 3.83 10.64
CA ASP A 250 23.81 4.89 10.35
C ASP A 250 23.11 6.19 9.97
N TYR A 251 22.09 6.07 9.13
CA TYR A 251 21.37 7.20 8.62
C TYR A 251 20.68 7.98 9.73
N PHE A 252 19.96 7.30 10.62
CA PHE A 252 19.27 7.96 11.74
C PHE A 252 20.16 8.19 12.96
N SER A 253 21.36 7.62 12.98
CA SER A 253 22.24 7.72 14.13
C SER A 253 21.65 7.24 15.44
N ILE A 254 20.90 6.15 15.36
CA ILE A 254 20.26 5.53 16.50
C ILE A 254 20.21 4.06 16.20
N PRO A 255 20.96 3.27 16.95
CA PRO A 255 20.96 1.84 16.73
C PRO A 255 19.60 1.19 16.92
N TYR A 256 19.42 0.05 16.28
CA TYR A 256 18.29 -0.86 16.54
C TYR A 256 18.39 -1.40 17.96
N PRO A 257 17.40 -1.12 18.79
CA PRO A 257 17.40 -1.43 20.22
C PRO A 257 17.29 -2.90 20.63
N LEU A 258 16.77 -3.76 19.76
CA LEU A 258 16.52 -5.17 20.13
C LEU A 258 17.68 -6.06 19.68
N PRO A 259 17.86 -7.19 20.36
CA PRO A 259 18.96 -8.07 20.06
C PRO A 259 18.78 -8.89 18.77
N LYS A 260 17.54 -8.99 18.26
CA LYS A 260 17.27 -9.76 17.05
C LYS A 260 16.14 -9.10 16.28
N GLN A 261 16.14 -9.31 14.95
CA GLN A 261 15.01 -8.96 14.07
C GLN A 261 14.64 -10.18 13.24
N ASP A 262 13.36 -10.53 13.23
CA ASP A 262 12.90 -11.65 12.43
C ASP A 262 11.97 -11.19 11.35
N LEU A 263 12.05 -11.82 10.20
CA LEU A 263 11.18 -11.54 9.11
C LEU A 263 10.51 -12.82 8.77
N ALA A 264 9.20 -12.91 9.01
CA ALA A 264 8.43 -14.14 8.82
C ALA A 264 7.47 -14.13 7.60
N ALA A 265 7.60 -15.12 6.72
CA ALA A 265 6.72 -15.22 5.57
C ALA A 265 5.43 -15.96 5.93
N ILE A 266 4.29 -15.28 5.96
CA ILE A 266 3.05 -15.95 6.40
C ILE A 266 2.24 -16.41 5.21
N PRO A 267 1.77 -17.65 5.23
CA PRO A 267 1.05 -18.09 4.04
C PRO A 267 -0.36 -17.51 3.85
N ASP A 268 -0.91 -16.81 4.81
CA ASP A 268 -2.21 -16.14 4.66
C ASP A 268 -2.04 -14.81 5.34
N PHE A 269 -2.08 -13.75 4.55
CA PHE A 269 -1.79 -12.41 5.02
C PHE A 269 -2.56 -11.40 4.18
N GLN A 270 -3.24 -10.45 4.82
CA GLN A 270 -4.13 -9.54 4.08
C GLN A 270 -3.41 -8.37 3.46
N SER A 271 -2.62 -7.67 4.25
CA SER A 271 -1.75 -6.63 3.66
C SER A 271 -0.57 -7.23 2.94
N GLY A 272 0.40 -6.41 2.62
CA GLY A 272 1.64 -6.91 2.09
C GLY A 272 2.62 -7.26 3.18
N ALA A 273 2.64 -6.49 4.28
CA ALA A 273 3.54 -6.78 5.40
C ALA A 273 3.30 -5.92 6.61
N MET A 274 3.92 -6.25 7.73
CA MET A 274 3.62 -5.51 8.96
C MET A 274 4.87 -5.37 9.79
N GLU A 275 4.97 -4.25 10.50
CA GLU A 275 6.22 -3.88 11.14
C GLU A 275 6.41 -4.31 12.56
N ASN A 276 5.65 -5.28 13.06
CA ASN A 276 5.74 -5.63 14.52
C ASN A 276 7.20 -5.66 15.00
N TRP A 277 7.47 -5.08 16.16
CA TRP A 277 8.86 -4.78 16.56
C TRP A 277 9.63 -6.03 16.87
N GLY A 278 10.64 -6.34 16.06
CA GLY A 278 11.44 -7.57 16.27
C GLY A 278 10.88 -8.80 15.60
N LEU A 279 9.66 -8.68 15.04
CA LEU A 279 9.01 -9.79 14.33
C LEU A 279 8.15 -9.25 13.22
N THR A 280 8.79 -8.83 12.14
CA THR A 280 8.11 -8.28 10.98
C THR A 280 7.50 -9.43 10.18
N THR A 281 6.28 -9.25 9.70
CA THR A 281 5.57 -10.29 8.94
C THR A 281 5.28 -9.81 7.51
N TYR A 282 5.23 -10.77 6.58
CA TYR A 282 5.10 -10.54 5.12
C TYR A 282 4.21 -11.55 4.40
N ARG A 283 3.46 -11.10 3.39
CA ARG A 283 2.98 -12.06 2.39
C ARG A 283 4.24 -12.82 1.93
N GLU A 284 4.09 -14.11 1.64
CA GLU A 284 5.13 -14.87 0.98
C GLU A 284 5.65 -14.13 -0.26
N SER A 285 4.73 -13.61 -1.07
CA SER A 285 5.09 -12.91 -2.30
C SER A 285 5.91 -11.65 -2.05
N ALA A 286 5.88 -11.14 -0.84
CA ALA A 286 6.60 -9.92 -0.54
C ALA A 286 7.94 -10.24 0.09
N LEU A 287 8.29 -11.52 0.26
CA LEU A 287 9.53 -11.87 0.94
C LEU A 287 10.40 -12.90 0.22
N LEU A 288 9.79 -13.89 -0.45
CA LEU A 288 10.52 -15.04 -0.95
C LEU A 288 10.83 -14.90 -2.43
N PHE A 289 12.10 -15.14 -2.78
CA PHE A 289 12.65 -15.00 -4.12
C PHE A 289 13.24 -16.32 -4.61
N ASP A 290 12.88 -16.72 -5.82
CA ASP A 290 13.35 -17.92 -6.46
C ASP A 290 14.15 -17.53 -7.71
N ALA A 291 15.43 -17.89 -7.70
CA ALA A 291 16.39 -17.39 -8.68
C ALA A 291 15.89 -17.61 -10.09
N GLU A 292 15.31 -18.79 -10.34
CA GLU A 292 14.91 -19.25 -11.69
C GLU A 292 13.49 -18.84 -12.14
N LYS A 293 12.58 -18.59 -11.19
CA LYS A 293 11.13 -18.39 -11.52
C LYS A 293 10.57 -17.02 -11.19
N SER A 294 11.22 -16.27 -10.29
CA SER A 294 10.76 -14.94 -9.89
C SER A 294 11.12 -13.79 -10.83
N SER A 295 10.29 -12.75 -10.84
CA SER A 295 10.41 -11.66 -11.80
C SER A 295 11.25 -10.52 -11.29
N ALA A 296 11.60 -9.62 -12.20
CA ALA A 296 12.32 -8.41 -11.81
C ALA A 296 11.45 -7.50 -10.89
N SER A 297 10.19 -7.35 -11.21
CA SER A 297 9.29 -6.57 -10.39
C SER A 297 9.11 -7.15 -8.97
N SER A 298 9.08 -8.45 -8.86
CA SER A 298 8.98 -9.09 -7.55
C SER A 298 10.25 -8.87 -6.68
N LYS A 299 11.44 -8.92 -7.30
CA LYS A 299 12.70 -8.61 -6.60
C LYS A 299 12.72 -7.16 -6.13
N LEU A 300 12.28 -6.27 -7.01
CA LEU A 300 12.15 -4.87 -6.65
C LEU A 300 11.22 -4.77 -5.44
N GLY A 301 10.07 -5.44 -5.51
CA GLY A 301 9.06 -5.43 -4.47
C GLY A 301 9.48 -5.94 -3.13
N ILE A 302 10.21 -7.05 -3.09
CA ILE A 302 10.78 -7.55 -1.82
C ILE A 302 11.71 -6.50 -1.18
N THR A 303 12.63 -5.94 -1.95
CA THR A 303 13.59 -4.97 -1.41
C THR A 303 12.86 -3.77 -0.77
N MET A 304 11.91 -3.19 -1.49
CA MET A 304 11.15 -2.03 -1.00
C MET A 304 10.32 -2.34 0.25
N THR A 305 9.64 -3.49 0.26
CA THR A 305 8.83 -3.90 1.39
C THR A 305 9.70 -4.09 2.63
N VAL A 306 10.82 -4.78 2.48
CA VAL A 306 11.78 -4.94 3.61
C VAL A 306 12.29 -3.58 4.09
N ALA A 307 12.72 -2.76 3.14
CA ALA A 307 13.07 -1.36 3.38
C ALA A 307 11.98 -0.64 4.18
N HIS A 308 10.73 -0.90 3.82
CA HIS A 308 9.61 -0.15 4.38
C HIS A 308 9.41 -0.59 5.84
N GLU A 309 9.38 -1.90 6.07
CA GLU A 309 9.08 -2.41 7.39
C GLU A 309 10.20 -2.12 8.38
N LEU A 310 11.45 -2.21 7.91
CA LEU A 310 12.59 -1.89 8.75
C LEU A 310 12.64 -0.37 9.01
N ALA A 311 12.23 0.44 8.04
CA ALA A 311 12.09 1.85 8.32
C ALA A 311 11.15 2.03 9.50
N HIS A 312 10.05 1.28 9.55
CA HIS A 312 9.11 1.49 10.66
C HIS A 312 9.73 1.27 12.02
N GLN A 313 10.83 0.53 12.11
CA GLN A 313 11.38 0.24 13.43
C GLN A 313 11.76 1.55 14.14
N TRP A 314 12.02 2.60 13.35
CA TRP A 314 12.26 3.93 13.92
C TRP A 314 11.00 4.76 13.80
N PHE A 315 10.50 4.87 12.58
CA PHE A 315 9.27 5.57 12.32
C PHE A 315 8.05 4.69 12.51
N GLY A 316 7.55 4.63 13.73
CA GLY A 316 6.36 3.89 14.07
C GLY A 316 6.50 3.12 15.37
N ASN A 317 7.58 2.36 15.49
CA ASN A 317 7.84 1.62 16.70
C ASN A 317 8.51 2.48 17.78
N LEU A 318 9.72 2.94 17.50
CA LEU A 318 10.46 3.84 18.42
C LEU A 318 9.70 5.14 18.65
N VAL A 319 9.33 5.84 17.57
CA VAL A 319 8.47 7.02 17.66
C VAL A 319 7.15 6.67 16.97
N THR A 320 6.05 6.86 17.70
CA THR A 320 4.72 6.46 17.24
C THR A 320 3.77 7.67 17.23
N MET A 321 2.79 7.68 16.32
CA MET A 321 1.82 8.79 16.31
C MET A 321 1.00 8.75 17.55
N GLU A 322 0.59 9.90 18.07
CA GLU A 322 -0.26 9.88 19.25
C GLU A 322 -1.61 9.25 19.02
N TRP A 323 -2.27 9.65 17.92
CA TRP A 323 -3.54 9.08 17.50
C TRP A 323 -3.56 8.91 15.97
N TRP A 324 -4.50 8.10 15.45
CA TRP A 324 -4.47 7.68 14.06
C TRP A 324 -4.76 8.81 13.06
N ASN A 325 -5.27 9.93 13.54
CA ASN A 325 -5.41 11.10 12.71
C ASN A 325 -4.06 11.50 12.11
N ASP A 326 -2.97 11.12 12.77
CA ASP A 326 -1.63 11.52 12.35
C ASP A 326 -0.82 10.29 11.93
N LEU A 327 -1.53 9.29 11.43
CA LEU A 327 -0.93 8.04 10.94
C LEU A 327 0.17 8.27 9.92
N TRP A 328 0.00 9.27 9.06
CA TRP A 328 1.01 9.63 8.09
C TRP A 328 2.43 9.81 8.66
N LEU A 329 2.54 10.11 9.96
CA LEU A 329 3.85 10.19 10.63
C LEU A 329 4.55 8.86 10.56
N ASN A 330 3.79 7.77 10.67
CA ASN A 330 4.36 6.42 10.48
C ASN A 330 4.51 6.06 8.99
N GLU A 331 3.40 6.13 8.26
CA GLU A 331 3.31 5.52 6.95
C GLU A 331 3.92 6.32 5.83
N GLY A 332 3.69 7.63 5.82
CA GLY A 332 4.40 8.52 4.89
C GLY A 332 5.92 8.50 5.01
N PHE A 333 6.44 8.34 6.22
CA PHE A 333 7.88 8.40 6.44
C PHE A 333 8.47 7.07 6.01
N ALA A 334 7.81 5.98 6.41
CA ALA A 334 8.24 4.65 6.00
C ALA A 334 8.27 4.53 4.47
N LYS A 335 7.23 5.04 3.81
CA LYS A 335 7.13 4.86 2.36
C LYS A 335 8.26 5.64 1.70
N PHE A 336 8.47 6.86 2.20
CA PHE A 336 9.58 7.69 1.75
C PHE A 336 10.96 7.08 1.97
N MET A 337 11.22 6.53 3.13
CA MET A 337 12.54 5.95 3.42
C MET A 337 12.89 4.77 2.52
N GLU A 338 11.89 4.01 2.11
CA GLU A 338 12.11 2.99 1.07
C GLU A 338 13.03 3.59 0.00
N PHE A 339 12.71 4.81 -0.48
CA PHE A 339 13.43 5.38 -1.62
C PHE A 339 14.77 5.96 -1.18
N VAL A 340 14.77 6.61 -0.03
CA VAL A 340 16.02 7.08 0.53
C VAL A 340 17.04 5.89 0.71
N SER A 341 16.60 4.79 1.31
CA SER A 341 17.52 3.73 1.66
C SER A 341 17.96 2.90 0.44
N VAL A 342 16.98 2.37 -0.29
CA VAL A 342 17.26 1.40 -1.35
C VAL A 342 18.08 2.05 -2.47
N SER A 343 17.93 3.36 -2.67
CA SER A 343 18.76 3.99 -3.69
C SER A 343 20.23 4.14 -3.28
N VAL A 344 20.57 3.96 -2.00
CA VAL A 344 21.98 3.73 -1.63
C VAL A 344 22.31 2.23 -1.57
N THR A 345 21.44 1.44 -0.97
CA THR A 345 21.77 0.05 -0.68
C THR A 345 21.81 -0.87 -1.94
N HIS A 346 20.91 -0.61 -2.90
CA HIS A 346 20.79 -1.38 -4.13
C HIS A 346 20.69 -0.45 -5.32
N PRO A 347 21.78 0.26 -5.61
CA PRO A 347 21.75 1.24 -6.70
C PRO A 347 21.36 0.67 -8.07
N GLU A 348 21.60 -0.62 -8.29
CA GLU A 348 21.18 -1.31 -9.54
C GLU A 348 19.66 -1.32 -9.79
N LEU A 349 18.84 -1.13 -8.76
CA LEU A 349 17.39 -1.01 -8.92
C LEU A 349 16.93 0.35 -9.44
N LYS A 350 17.80 1.36 -9.34
CA LYS A 350 17.49 2.73 -9.71
C LYS A 350 16.06 3.20 -9.28
N VAL A 351 15.68 2.93 -8.03
CA VAL A 351 14.31 3.16 -7.58
C VAL A 351 13.87 4.62 -7.66
N GLY A 352 14.82 5.55 -7.62
CA GLY A 352 14.53 6.99 -7.75
C GLY A 352 13.82 7.36 -9.04
N ASP A 353 14.17 6.69 -10.16
CA ASP A 353 13.38 6.78 -11.37
C ASP A 353 11.86 6.61 -11.14
N TYR A 354 11.42 5.77 -10.18
CA TYR A 354 9.98 5.44 -10.00
C TYR A 354 9.25 6.24 -8.94
N PHE A 355 9.96 7.09 -8.22
CA PHE A 355 9.32 7.88 -7.14
C PHE A 355 8.11 8.67 -7.60
N PHE A 356 8.31 9.63 -8.50
CA PHE A 356 7.22 10.31 -9.24
C PHE A 356 5.93 9.48 -9.19
N GLY A 357 6.00 8.25 -9.71
CA GLY A 357 4.81 7.43 -9.95
C GLY A 357 3.79 7.41 -8.81
N LYS A 358 4.26 7.33 -7.59
CA LYS A 358 3.42 7.27 -6.44
C LYS A 358 2.67 8.60 -6.32
N CYS A 359 3.41 9.70 -6.48
CA CYS A 359 2.79 11.02 -6.46
C CYS A 359 1.56 11.13 -7.39
N PHE A 360 1.71 10.78 -8.65
CA PHE A 360 0.57 10.74 -9.57
C PHE A 360 -0.58 9.83 -9.10
N ASP A 361 -0.24 8.72 -8.45
CA ASP A 361 -1.28 7.82 -7.95
C ASP A 361 -2.15 8.61 -6.99
N ALA A 362 -1.49 9.24 -6.01
CA ALA A 362 -2.18 9.98 -4.97
C ALA A 362 -3.06 11.09 -5.55
N MET A 363 -2.63 11.67 -6.66
CA MET A 363 -3.32 12.76 -7.26
C MET A 363 -4.65 12.31 -7.87
N GLU A 364 -4.76 11.05 -8.30
CA GLU A 364 -6.01 10.53 -8.82
C GLU A 364 -7.08 10.66 -7.69
N VAL A 365 -6.82 10.12 -6.50
CA VAL A 365 -7.79 10.27 -5.42
C VAL A 365 -7.85 11.72 -4.88
N ASP A 366 -6.69 12.35 -4.70
CA ASP A 366 -6.65 13.61 -4.05
C ASP A 366 -7.30 14.74 -4.85
N ALA A 367 -7.51 14.55 -6.16
CA ALA A 367 -8.15 15.60 -6.95
C ALA A 367 -9.67 15.67 -6.76
N LEU A 368 -10.26 14.75 -5.97
CA LEU A 368 -11.70 14.66 -5.77
C LEU A 368 -12.13 15.24 -4.42
N ASN A 369 -13.36 15.72 -4.33
CA ASN A 369 -13.88 16.27 -3.07
C ASN A 369 -13.84 15.24 -1.94
N SER A 370 -14.07 13.98 -2.28
CA SER A 370 -14.00 12.85 -1.37
C SER A 370 -12.62 12.51 -0.79
N SER A 371 -11.57 13.19 -1.19
CA SER A 371 -10.28 13.07 -0.51
C SER A 371 -10.31 13.72 0.87
N HIS A 372 -9.23 13.59 1.62
CA HIS A 372 -9.11 14.21 2.95
C HIS A 372 -7.71 14.75 3.19
N PRO A 373 -7.56 15.61 4.17
CA PRO A 373 -6.18 16.06 4.43
C PRO A 373 -5.29 14.93 4.90
N VAL A 374 -3.99 15.05 4.70
CA VAL A 374 -3.05 14.06 5.24
C VAL A 374 -3.37 13.79 6.74
N SER A 375 -3.61 14.84 7.50
CA SER A 375 -3.87 14.71 8.92
C SER A 375 -5.30 15.14 9.14
N THR A 376 -6.14 14.24 9.65
CA THR A 376 -7.60 14.46 9.63
C THR A 376 -8.24 13.60 10.71
N PRO A 377 -9.28 14.08 11.35
CA PRO A 377 -9.80 13.32 12.51
C PRO A 377 -10.49 11.99 12.16
N VAL A 378 -10.27 10.96 12.98
CA VAL A 378 -10.95 9.66 12.86
C VAL A 378 -11.26 9.15 14.26
N GLU A 379 -12.23 8.25 14.40
CA GLU A 379 -12.67 7.81 15.73
C GLU A 379 -12.89 6.29 15.87
N ASN A 380 -13.65 5.72 14.94
CA ASN A 380 -13.97 4.31 15.04
C ASN A 380 -13.07 3.45 14.16
N PRO A 381 -13.09 2.14 14.38
CA PRO A 381 -12.15 1.25 13.67
C PRO A 381 -12.17 1.31 12.14
N ALA A 382 -13.35 1.42 11.54
CA ALA A 382 -13.44 1.46 10.10
C ALA A 382 -12.80 2.73 9.63
N GLN A 383 -13.05 3.83 10.34
CA GLN A 383 -12.44 5.13 10.01
C GLN A 383 -10.94 5.04 10.13
N ILE A 384 -10.47 4.48 11.23
CA ILE A 384 -9.04 4.34 11.43
C ILE A 384 -8.40 3.52 10.29
N ARG A 385 -9.00 2.39 9.95
CA ARG A 385 -8.52 1.55 8.85
C ARG A 385 -8.44 2.30 7.53
N GLU A 386 -9.38 3.23 7.29
CA GLU A 386 -9.39 3.99 6.03
C GLU A 386 -8.21 4.97 5.92
N MET A 387 -7.57 5.32 7.03
CA MET A 387 -6.33 6.08 6.97
C MET A 387 -5.18 5.31 6.34
N PHE A 388 -5.30 4.00 6.25
CA PHE A 388 -4.23 3.27 5.57
C PHE A 388 -4.45 3.30 4.08
N ASP A 389 -4.28 4.47 3.47
CA ASP A 389 -4.59 4.68 2.03
C ASP A 389 -3.52 5.53 1.36
N ASP A 390 -3.81 5.95 0.13
CA ASP A 390 -2.81 6.57 -0.70
C ASP A 390 -2.44 7.97 -0.28
N VAL A 391 -3.27 8.59 0.55
CA VAL A 391 -2.95 9.90 1.05
C VAL A 391 -1.93 9.77 2.14
N SER A 392 -2.18 8.94 3.15
CA SER A 392 -1.20 8.74 4.25
C SER A 392 0.14 8.21 3.72
N TYR A 393 0.10 7.21 2.88
CA TYR A 393 1.32 6.65 2.27
C TYR A 393 1.96 7.57 1.24
N ASP A 394 1.32 7.72 0.09
CA ASP A 394 1.96 8.26 -1.09
C ASP A 394 2.09 9.80 -1.14
N LYS A 395 1.06 10.52 -0.74
CA LYS A 395 1.18 11.97 -0.59
C LYS A 395 2.08 12.32 0.61
N GLY A 396 2.06 11.45 1.62
CA GLY A 396 2.91 11.65 2.79
C GLY A 396 4.37 11.57 2.37
N ALA A 397 4.70 10.55 1.59
CA ALA A 397 6.03 10.45 1.00
C ALA A 397 6.35 11.64 0.10
N CYS A 398 5.37 12.12 -0.69
CA CYS A 398 5.67 13.11 -1.73
C CYS A 398 5.95 14.45 -1.13
N ILE A 399 5.15 14.85 -0.18
CA ILE A 399 5.39 16.12 0.43
C ILE A 399 6.72 16.08 1.23
N LEU A 400 7.09 14.92 1.79
CA LEU A 400 8.40 14.83 2.48
C LEU A 400 9.54 14.95 1.49
N ASN A 401 9.43 14.33 0.32
CA ASN A 401 10.43 14.51 -0.73
C ASN A 401 10.56 15.98 -1.06
N MET A 402 9.42 16.66 -1.10
CA MET A 402 9.38 18.08 -1.42
C MET A 402 10.10 18.91 -0.34
N LEU A 403 9.76 18.68 0.93
CA LEU A 403 10.45 19.36 2.01
C LEU A 403 11.94 19.10 1.98
N ARG A 404 12.31 17.90 1.56
CA ARG A 404 13.70 17.48 1.61
C ARG A 404 14.53 18.21 0.59
N GLU A 405 14.01 18.32 -0.63
CA GLU A 405 14.66 19.07 -1.68
C GLU A 405 14.77 20.57 -1.29
N TYR A 406 13.82 21.04 -0.48
CA TYR A 406 13.72 22.47 -0.13
C TYR A 406 14.72 22.90 0.94
N LEU A 407 14.92 22.06 1.96
CA LEU A 407 16.09 22.22 2.83
C LEU A 407 17.20 21.43 2.11
N SER A 408 18.45 21.47 2.52
CA SER A 408 19.37 20.45 1.94
C SER A 408 18.87 18.94 2.23
N ALA A 409 19.54 17.92 1.70
CA ALA A 409 19.43 16.56 2.22
C ALA A 409 20.02 16.43 3.66
N ASP A 410 21.13 17.13 3.93
CA ASP A 410 21.71 17.11 5.28
C ASP A 410 20.82 17.80 6.30
N ALA A 411 20.27 18.95 5.94
CA ALA A 411 19.41 19.67 6.88
C ALA A 411 18.21 18.79 7.24
N PHE A 412 17.59 18.19 6.21
CA PHE A 412 16.45 17.28 6.41
C PHE A 412 16.81 16.17 7.38
N LYS A 413 17.95 15.54 7.10
CA LYS A 413 18.48 14.45 7.92
C LYS A 413 18.65 14.86 9.36
N SER A 414 19.22 16.04 9.58
CA SER A 414 19.38 16.55 10.94
C SER A 414 18.08 16.71 11.74
N GLY A 415 17.05 17.24 11.06
CA GLY A 415 15.74 17.41 11.63
C GLY A 415 15.17 16.08 12.04
N ILE A 416 15.22 15.09 11.16
CA ILE A 416 14.59 13.83 11.53
C ILE A 416 15.35 13.16 12.65
N VAL A 417 16.67 13.35 12.71
CA VAL A 417 17.48 12.75 13.80
C VAL A 417 17.13 13.36 15.17
N GLN A 418 17.03 14.68 15.23
CA GLN A 418 16.64 15.38 16.45
C GLN A 418 15.22 14.92 16.85
N TYR A 419 14.37 14.75 15.86
CA TYR A 419 13.02 14.32 16.10
C TYR A 419 13.00 12.95 16.68
N LEU A 420 13.67 11.99 16.05
CA LEU A 420 13.74 10.64 16.60
C LEU A 420 14.41 10.62 17.99
N GLN A 421 15.47 11.38 18.20
CA GLN A 421 16.07 11.41 19.55
C GLN A 421 15.12 11.99 20.61
N LYS A 422 14.48 13.12 20.32
CA LYS A 422 13.63 13.75 21.32
C LYS A 422 12.43 12.89 21.68
N HIS A 423 11.84 12.19 20.71
CA HIS A 423 10.58 11.52 20.93
C HIS A 423 10.72 10.00 21.03
N SER A 424 11.96 9.55 21.20
CA SER A 424 12.21 8.15 21.44
C SER A 424 11.36 7.54 22.55
N TYR A 425 10.69 6.43 22.24
CA TYR A 425 9.90 5.66 23.22
C TYR A 425 8.62 6.45 23.62
N LYS A 426 8.24 7.42 22.76
CA LYS A 426 7.09 8.26 23.01
C LYS A 426 6.13 8.41 21.80
N ASN A 427 5.22 9.39 21.84
CA ASN A 427 4.31 9.62 20.75
C ASN A 427 4.35 11.07 20.29
N THR A 428 4.17 11.28 18.99
CA THR A 428 4.20 12.60 18.38
C THR A 428 2.86 12.94 17.68
N LYS A 429 2.59 14.24 17.57
CA LYS A 429 1.61 14.86 16.68
C LYS A 429 2.38 15.52 15.51
N ASN A 430 1.56 15.94 14.57
CA ASN A 430 1.96 16.58 13.36
C ASN A 430 2.81 17.79 13.69
N GLU A 431 2.35 18.58 14.64
CA GLU A 431 3.08 19.75 15.06
C GLU A 431 4.48 19.45 15.64
N ASP A 432 4.65 18.29 16.29
CA ASP A 432 5.98 17.96 16.83
C ASP A 432 7.02 17.79 15.72
N LEU A 433 6.65 17.16 14.61
CA LEU A 433 7.61 17.05 13.50
C LEU A 433 8.04 18.43 13.01
N TRP A 434 7.06 19.30 12.82
CA TRP A 434 7.37 20.63 12.33
C TRP A 434 8.23 21.42 13.30
N ASP A 435 8.03 21.32 14.61
CA ASP A 435 8.91 22.03 15.56
C ASP A 435 10.37 21.55 15.40
N SER A 436 10.55 20.26 15.23
CA SER A 436 11.86 19.68 14.98
C SER A 436 12.47 20.23 13.71
N MET A 437 11.72 20.20 12.63
CA MET A 437 12.28 20.63 11.36
C MET A 437 12.48 22.12 11.38
N ALA A 438 11.67 22.85 12.15
CA ALA A 438 11.78 24.32 12.21
C ALA A 438 12.97 24.74 13.03
N SER A 439 13.54 23.82 13.83
CA SER A 439 14.68 24.12 14.70
C SER A 439 16.06 23.58 14.20
N ILE A 440 16.17 23.27 12.92
CA ILE A 440 17.45 22.90 12.31
C ILE A 440 18.30 24.15 12.07
N GLY A 469 13.67 34.73 4.41
CA GLY A 469 13.04 33.98 5.49
C GLY A 469 12.67 32.50 5.22
N VAL A 470 12.68 31.69 6.30
CA VAL A 470 12.33 30.25 6.22
C VAL A 470 11.34 29.82 7.32
N ASP A 471 10.10 29.48 6.95
CA ASP A 471 9.14 28.99 7.95
C ASP A 471 8.57 27.62 7.62
N VAL A 472 9.19 26.57 8.13
CA VAL A 472 8.77 25.24 7.72
C VAL A 472 7.37 24.86 8.19
N LYS A 473 6.99 25.27 9.39
CA LYS A 473 5.71 24.94 10.02
C LYS A 473 4.48 25.51 9.30
N THR A 474 4.47 26.80 9.00
CA THR A 474 3.39 27.34 8.22
C THR A 474 3.35 26.64 6.85
N MET A 475 4.52 26.35 6.29
CA MET A 475 4.57 25.74 4.97
C MET A 475 3.97 24.35 5.02
N MET A 476 4.43 23.54 5.96
CA MET A 476 4.01 22.16 5.99
C MET A 476 2.59 21.98 6.53
N ASN A 477 2.07 22.98 7.21
CA ASN A 477 0.65 22.96 7.51
C ASN A 477 -0.22 23.07 6.29
N THR A 478 0.20 23.86 5.32
CA THR A 478 -0.57 23.96 4.10
C THR A 478 -0.61 22.60 3.45
N TRP A 479 0.44 21.80 3.60
CA TRP A 479 0.49 20.51 2.92
C TRP A 479 -0.17 19.37 3.72
N THR A 480 -0.41 19.58 5.00
CA THR A 480 -0.92 18.51 5.81
C THR A 480 -2.35 18.73 6.31
N LEU A 481 -2.80 19.96 6.38
CA LEU A 481 -4.07 20.30 7.02
C LEU A 481 -5.19 20.67 6.06
N GLN A 482 -4.91 20.70 4.76
CA GLN A 482 -5.91 20.95 3.78
C GLN A 482 -5.72 19.92 2.64
N LYS A 483 -6.82 19.48 2.06
CA LYS A 483 -6.74 18.43 1.06
C LYS A 483 -6.37 18.99 -0.30
N GLY A 484 -5.97 18.09 -1.18
CA GLY A 484 -5.74 18.42 -2.57
C GLY A 484 -4.37 18.97 -2.81
N PHE A 485 -4.23 19.66 -3.93
CA PHE A 485 -2.96 20.21 -4.37
C PHE A 485 -3.22 21.34 -5.35
N PRO A 486 -2.21 22.22 -5.57
CA PRO A 486 -2.47 23.32 -6.47
C PRO A 486 -2.12 23.05 -7.94
N LEU A 487 -2.82 23.76 -8.79
CA LEU A 487 -2.43 24.00 -10.16
C LEU A 487 -1.60 25.28 -10.19
N ILE A 488 -0.38 25.19 -10.68
CA ILE A 488 0.44 26.38 -10.86
C ILE A 488 0.33 26.73 -12.31
N THR A 489 -0.09 27.96 -12.62
CA THR A 489 -0.18 28.42 -14.04
C THR A 489 0.94 29.41 -14.42
N ILE A 490 1.65 29.13 -15.51
CA ILE A 490 2.80 29.93 -15.93
C ILE A 490 2.50 30.76 -17.19
N THR A 491 2.72 32.07 -17.07
CA THR A 491 2.57 32.99 -18.18
C THR A 491 3.91 33.69 -18.37
N VAL A 492 4.42 33.68 -19.60
CA VAL A 492 5.72 34.27 -19.90
C VAL A 492 5.55 35.44 -20.86
N ARG A 493 5.98 36.61 -20.44
CA ARG A 493 5.93 37.79 -21.28
C ARG A 493 7.32 38.37 -21.26
N GLY A 494 8.10 38.06 -22.29
CA GLY A 494 9.53 38.44 -22.31
C GLY A 494 10.30 37.77 -21.18
N ARG A 495 10.92 38.58 -20.33
CA ARG A 495 11.71 38.10 -19.21
C ARG A 495 10.86 37.85 -17.98
N ASN A 496 9.68 38.47 -17.90
CA ASN A 496 8.82 38.26 -16.72
C ASN A 496 8.15 36.91 -16.78
N VAL A 497 8.23 36.16 -15.69
CA VAL A 497 7.57 34.88 -15.58
C VAL A 497 6.54 35.04 -14.49
N HIS A 498 5.25 35.05 -14.87
CA HIS A 498 4.17 35.15 -13.90
C HIS A 498 3.78 33.73 -13.46
N MET A 499 3.79 33.49 -12.14
CA MET A 499 3.35 32.22 -11.54
C MET A 499 2.05 32.48 -10.79
N LYS A 500 1.11 31.56 -10.88
CA LYS A 500 -0.19 31.72 -10.21
C LYS A 500 -0.61 30.38 -9.59
N GLN A 501 -1.28 30.40 -8.45
CA GLN A 501 -1.75 29.17 -7.85
C GLN A 501 -3.25 29.21 -7.56
N GLU A 502 -3.93 28.11 -7.85
CA GLU A 502 -5.27 27.86 -7.38
C GLU A 502 -5.43 26.38 -7.12
N HIS A 503 -6.46 26.04 -6.35
CA HIS A 503 -6.74 24.69 -5.97
C HIS A 503 -7.25 23.86 -7.15
N TYR A 504 -6.51 22.78 -7.49
CA TYR A 504 -6.97 21.79 -8.49
C TYR A 504 -8.02 20.86 -7.89
N MET A 505 -9.20 20.82 -8.54
CA MET A 505 -10.29 19.91 -8.14
C MET A 505 -11.17 19.63 -9.34
N LYS A 506 -11.45 18.34 -9.57
CA LYS A 506 -12.42 17.88 -10.54
C LYS A 506 -13.83 17.96 -9.91
N GLY A 507 -14.84 18.43 -10.66
CA GLY A 507 -16.19 18.70 -10.11
C GLY A 507 -16.85 17.59 -9.28
N ASP A 513 -14.25 27.54 -5.67
CA ASP A 513 -14.84 27.97 -4.40
C ASP A 513 -13.83 27.94 -3.22
N THR A 514 -12.77 27.14 -3.31
CA THR A 514 -11.99 26.85 -2.09
C THR A 514 -11.31 28.09 -1.52
N GLY A 515 -10.47 28.75 -2.32
CA GLY A 515 -9.58 29.79 -1.80
C GLY A 515 -8.40 29.27 -0.97
N TYR A 516 -8.06 27.98 -1.11
CA TYR A 516 -6.88 27.39 -0.49
C TYR A 516 -5.58 27.88 -1.11
N LEU A 517 -4.54 28.00 -0.29
CA LEU A 517 -3.25 28.48 -0.67
C LEU A 517 -2.17 27.60 -0.05
N TRP A 518 -1.17 27.25 -0.85
CA TRP A 518 -0.01 26.49 -0.37
C TRP A 518 1.24 27.34 -0.44
N HIS A 519 2.26 26.92 0.29
CA HIS A 519 3.63 27.45 0.13
C HIS A 519 4.33 26.41 -0.72
N VAL A 520 4.54 26.75 -1.98
CA VAL A 520 4.96 25.77 -2.98
C VAL A 520 6.41 26.04 -3.38
N PRO A 521 7.31 25.07 -3.12
CA PRO A 521 8.68 25.26 -3.63
C PRO A 521 8.80 24.92 -5.12
N LEU A 522 8.66 25.93 -5.96
CA LEU A 522 8.70 25.75 -7.40
C LEU A 522 10.13 25.62 -7.89
N THR A 523 10.35 24.75 -8.86
CA THR A 523 11.65 24.61 -9.48
C THR A 523 11.44 24.75 -10.96
N PHE A 524 12.49 25.12 -11.69
CA PHE A 524 12.36 25.21 -13.14
C PHE A 524 13.68 25.26 -13.86
N ILE A 525 13.64 24.87 -15.13
CA ILE A 525 14.81 24.93 -16.02
C ILE A 525 14.39 25.61 -17.31
N THR A 526 15.35 26.05 -18.10
CA THR A 526 15.05 26.74 -19.35
C THR A 526 15.98 26.26 -20.44
N SER A 527 15.66 26.68 -21.66
CA SER A 527 16.51 26.41 -22.83
C SER A 527 17.96 26.94 -22.72
N LYS A 528 18.20 27.96 -21.89
CA LYS A 528 19.52 28.62 -21.79
C LYS A 528 20.54 27.96 -20.83
N SER A 529 20.08 27.44 -19.68
CA SER A 529 20.98 26.71 -18.76
C SER A 529 20.41 25.37 -18.28
N ASP A 530 21.32 24.42 -18.07
CA ASP A 530 21.00 23.15 -17.38
C ASP A 530 20.78 23.38 -15.84
N MET A 531 21.21 24.52 -15.30
CA MET A 531 21.02 24.81 -13.87
C MET A 531 19.55 24.93 -13.48
N VAL A 532 19.22 24.29 -12.36
CA VAL A 532 17.90 24.31 -11.72
C VAL A 532 17.68 25.54 -10.81
N HIS A 533 16.56 26.22 -11.05
CA HIS A 533 16.24 27.48 -10.39
C HIS A 533 15.08 27.22 -9.42
N ARG A 534 15.03 27.97 -8.32
CA ARG A 534 14.07 27.69 -7.25
C ARG A 534 13.33 28.96 -6.81
N PHE A 535 12.02 28.84 -6.62
CA PHE A 535 11.22 29.96 -6.17
C PHE A 535 10.14 29.44 -5.24
N LEU A 536 10.09 29.99 -4.03
CA LEU A 536 9.04 29.66 -3.04
C LEU A 536 7.82 30.52 -3.26
N LEU A 537 6.79 29.97 -3.87
CA LEU A 537 5.58 30.69 -4.14
C LEU A 537 4.70 30.48 -2.94
N LYS A 538 4.45 31.57 -2.24
CA LYS A 538 3.80 31.57 -0.95
C LYS A 538 2.41 32.25 -1.01
N THR A 539 2.06 32.76 -2.18
CA THR A 539 0.97 33.70 -2.37
C THR A 539 0.18 33.33 -3.62
N LYS A 540 -0.97 33.95 -3.83
CA LYS A 540 -1.80 33.58 -4.97
C LYS A 540 -1.04 33.77 -6.28
N THR A 541 -0.41 34.92 -6.46
CA THR A 541 0.48 35.06 -7.60
C THR A 541 1.82 35.62 -7.16
N ASP A 542 2.79 35.59 -8.08
CA ASP A 542 4.07 36.30 -7.98
C ASP A 542 4.75 36.31 -9.37
N VAL A 543 5.89 36.98 -9.43
CA VAL A 543 6.64 37.09 -10.65
C VAL A 543 8.17 37.13 -10.43
N LEU A 544 8.91 36.41 -11.28
CA LEU A 544 10.37 36.54 -11.34
C LEU A 544 10.81 37.05 -12.72
N ILE A 545 11.98 37.69 -12.76
CA ILE A 545 12.52 38.25 -14.00
C ILE A 545 13.77 37.48 -14.44
N LEU A 546 13.74 36.90 -15.64
CA LEU A 546 14.88 36.12 -16.17
C LEU A 546 15.93 37.05 -16.70
N PRO A 547 17.21 36.67 -16.60
CA PRO A 547 18.23 37.58 -17.13
C PRO A 547 18.27 37.63 -18.66
N GLU A 548 17.55 36.75 -19.35
CA GLU A 548 17.46 36.81 -20.82
C GLU A 548 16.24 36.01 -21.28
N GLU A 549 15.74 36.32 -22.46
CA GLU A 549 14.55 35.63 -22.97
C GLU A 549 14.89 34.22 -23.35
N VAL A 550 13.86 33.37 -23.33
CA VAL A 550 14.06 31.93 -23.44
C VAL A 550 13.17 31.32 -24.52
N GLU A 551 13.67 30.28 -25.16
CA GLU A 551 12.88 29.54 -26.13
C GLU A 551 11.80 28.77 -25.39
N TRP A 552 12.14 28.23 -24.23
CA TRP A 552 11.17 27.48 -23.46
C TRP A 552 11.54 27.43 -22.00
N ILE A 553 10.54 27.12 -21.18
CA ILE A 553 10.70 26.99 -19.70
C ILE A 553 9.85 25.82 -19.16
N LYS A 554 10.42 24.98 -18.31
CA LYS A 554 9.69 23.79 -17.76
C LYS A 554 9.79 23.86 -16.23
N PHE A 555 8.64 23.75 -15.58
CA PHE A 555 8.53 23.86 -14.11
C PHE A 555 8.27 22.48 -13.53
N ASN A 556 8.59 22.33 -12.25
CA ASN A 556 8.53 21.08 -11.50
C ASN A 556 9.53 20.09 -12.01
N VAL A 557 10.79 20.34 -11.71
CA VAL A 557 11.86 19.62 -12.36
C VAL A 557 12.13 18.31 -11.67
N GLY A 558 12.17 17.24 -12.45
CA GLY A 558 12.36 15.87 -11.95
C GLY A 558 11.12 15.38 -11.23
N MET A 559 10.03 16.13 -11.39
CA MET A 559 8.77 15.91 -10.67
C MET A 559 8.97 15.72 -9.16
N ASN A 560 9.72 16.60 -8.52
CA ASN A 560 9.88 16.53 -7.07
C ASN A 560 8.85 17.37 -6.30
N GLY A 561 7.67 17.63 -6.89
CA GLY A 561 6.73 18.58 -6.33
C GLY A 561 5.34 18.01 -6.42
N TYR A 562 4.58 18.11 -5.33
CA TYR A 562 3.18 17.69 -5.34
C TYR A 562 2.33 18.82 -5.87
N TYR A 563 2.41 19.04 -7.18
CA TYR A 563 1.56 20.01 -7.85
C TYR A 563 1.65 19.80 -9.34
N ILE A 564 0.66 20.30 -10.08
CA ILE A 564 0.70 20.26 -11.53
C ILE A 564 0.78 21.65 -12.16
N VAL A 565 1.28 21.71 -13.40
CA VAL A 565 1.60 22.98 -14.05
C VAL A 565 0.88 23.08 -15.36
N HIS A 566 0.39 24.28 -15.66
CA HIS A 566 -0.23 24.60 -16.95
C HIS A 566 0.46 25.81 -17.55
N TYR A 567 0.58 25.86 -18.85
CA TYR A 567 1.30 26.92 -19.48
C TYR A 567 0.32 27.67 -20.38
N GLU A 568 0.20 28.98 -20.16
CA GLU A 568 -0.67 29.87 -20.92
C GLU A 568 -0.10 30.13 -22.30
N ASP A 569 -0.93 30.66 -23.20
CA ASP A 569 -0.46 31.17 -24.50
C ASP A 569 0.23 30.05 -25.33
N ASP A 570 1.35 30.34 -26.01
CA ASP A 570 2.02 29.35 -26.87
C ASP A 570 2.76 28.27 -26.05
N GLY A 571 2.55 28.24 -24.74
CA GLY A 571 3.28 27.36 -23.85
C GLY A 571 3.27 25.86 -24.10
N TRP A 572 2.12 25.27 -24.36
CA TRP A 572 2.09 23.82 -24.59
C TRP A 572 2.54 23.49 -25.99
N ASP A 573 2.28 24.38 -26.93
CA ASP A 573 2.75 24.14 -28.30
C ASP A 573 4.28 24.17 -28.33
N SER A 574 4.88 25.08 -27.57
CA SER A 574 6.32 25.10 -27.37
C SER A 574 6.85 23.80 -26.74
N LEU A 575 6.16 23.30 -25.72
CA LEU A 575 6.61 22.09 -25.05
C LEU A 575 6.34 20.83 -25.90
N THR A 576 5.27 20.86 -26.70
CA THR A 576 4.96 19.73 -27.57
C THR A 576 5.97 19.70 -28.70
N GLY A 577 6.37 20.87 -29.19
CA GLY A 577 7.38 20.96 -30.25
C GLY A 577 8.73 20.48 -29.77
N LEU A 578 9.00 20.67 -28.47
CA LEU A 578 10.28 20.27 -27.89
C LEU A 578 10.36 18.76 -27.82
N LEU A 579 9.32 18.12 -27.29
CA LEU A 579 9.26 16.66 -27.22
C LEU A 579 9.20 15.98 -28.58
N LYS A 580 8.84 16.70 -29.63
CA LYS A 580 8.77 16.06 -30.94
C LYS A 580 10.09 16.22 -31.65
N GLY A 581 10.81 17.30 -31.38
CA GLY A 581 12.12 17.53 -32.01
C GLY A 581 13.32 16.94 -31.28
N THR A 582 13.38 17.20 -29.97
CA THR A 582 14.55 16.92 -29.14
C THR A 582 14.05 16.59 -27.71
N HIS A 583 13.43 15.43 -27.59
CA HIS A 583 12.83 15.05 -26.33
C HIS A 583 13.83 15.02 -25.17
N THR A 584 15.08 14.65 -25.45
CA THR A 584 16.11 14.56 -24.41
C THR A 584 16.65 15.90 -23.97
N ALA A 585 16.09 17.00 -24.45
CA ALA A 585 16.36 18.34 -23.83
C ALA A 585 15.92 18.42 -22.34
N VAL A 586 14.91 17.63 -21.97
CA VAL A 586 14.49 17.47 -20.58
C VAL A 586 14.62 16.02 -20.21
N SER A 587 14.61 15.72 -18.92
CA SER A 587 14.74 14.33 -18.47
C SER A 587 13.50 13.46 -18.69
N SER A 588 13.70 12.14 -18.54
CA SER A 588 12.62 11.15 -18.54
C SER A 588 11.50 11.53 -17.63
N ASN A 589 11.88 11.88 -16.41
CA ASN A 589 10.91 12.20 -15.40
C ASN A 589 10.14 13.47 -15.76
N ASP A 590 10.81 14.45 -16.35
CA ASP A 590 10.15 15.65 -16.84
C ASP A 590 9.20 15.31 -17.98
N ARG A 591 9.60 14.42 -18.86
CA ARG A 591 8.72 14.00 -19.93
C ARG A 591 7.45 13.35 -19.36
N ALA A 592 7.62 12.49 -18.36
CA ALA A 592 6.49 11.80 -17.76
C ALA A 592 5.52 12.79 -17.13
N SER A 593 6.04 13.86 -16.55
CA SER A 593 5.21 14.84 -15.84
C SER A 593 4.40 15.72 -16.79
N LEU A 594 5.00 16.03 -17.94
CA LEU A 594 4.30 16.73 -18.99
C LEU A 594 3.10 15.92 -19.49
N ILE A 595 3.30 14.62 -19.69
CA ILE A 595 2.24 13.75 -20.18
C ILE A 595 1.09 13.73 -19.20
N ASN A 596 1.40 13.41 -17.95
CA ASN A 596 0.38 13.40 -16.91
C ASN A 596 -0.37 14.75 -16.77
N ASN A 597 0.36 15.86 -16.70
CA ASN A 597 -0.30 17.14 -16.51
C ASN A 597 -1.18 17.55 -17.70
N ALA A 598 -0.74 17.28 -18.91
CA ALA A 598 -1.57 17.47 -20.10
C ALA A 598 -2.97 16.81 -19.94
N PHE A 599 -2.99 15.55 -19.54
CA PHE A 599 -4.26 14.88 -19.35
C PHE A 599 -5.01 15.31 -18.09
N GLN A 600 -4.31 15.66 -17.02
CA GLN A 600 -5.05 16.15 -15.86
C GLN A 600 -5.75 17.44 -16.19
N LEU A 601 -5.16 18.24 -17.07
CA LEU A 601 -5.72 19.54 -17.40
C LEU A 601 -6.90 19.42 -18.40
N VAL A 602 -6.97 18.29 -19.12
CA VAL A 602 -8.11 18.01 -19.99
C VAL A 602 -9.34 17.92 -19.09
N SER A 603 -9.17 17.33 -17.93
CA SER A 603 -10.28 16.97 -17.06
C SER A 603 -10.93 18.15 -16.36
N ILE A 604 -10.26 19.29 -16.35
CA ILE A 604 -10.84 20.52 -15.78
C ILE A 604 -10.99 21.63 -16.82
N GLY A 605 -10.81 21.34 -18.11
CA GLY A 605 -11.07 22.34 -19.15
C GLY A 605 -9.98 23.32 -19.60
N LYS A 606 -8.72 23.16 -19.18
CA LYS A 606 -7.64 24.13 -19.48
C LYS A 606 -6.90 23.76 -20.74
N LEU A 607 -7.03 22.51 -21.13
CA LEU A 607 -6.38 22.03 -22.33
C LEU A 607 -7.39 21.10 -23.02
N SER A 608 -7.36 21.09 -24.34
CA SER A 608 -8.30 20.26 -25.08
C SER A 608 -7.76 18.85 -25.23
N ILE A 609 -8.65 17.87 -25.15
CA ILE A 609 -8.26 16.46 -25.34
C ILE A 609 -7.39 16.33 -26.58
N GLU A 610 -7.74 17.08 -27.62
CA GLU A 610 -6.94 17.05 -28.87
C GLU A 610 -5.48 17.49 -28.66
N LYS A 611 -5.24 18.60 -27.95
CA LYS A 611 -3.85 19.05 -27.75
C LYS A 611 -3.04 18.02 -26.91
N ALA A 612 -3.69 17.37 -25.96
CA ALA A 612 -3.03 16.36 -25.15
C ALA A 612 -2.68 15.14 -25.99
N LEU A 613 -3.58 14.70 -26.88
CA LEU A 613 -3.27 13.50 -27.67
C LEU A 613 -2.21 13.86 -28.68
N ASP A 614 -2.20 15.11 -29.13
CA ASP A 614 -1.13 15.55 -30.03
C ASP A 614 0.20 15.41 -29.32
N LEU A 615 0.22 15.68 -28.02
CA LEU A 615 1.46 15.60 -27.28
C LEU A 615 1.89 14.14 -27.21
N SER A 616 0.93 13.24 -26.98
CA SER A 616 1.17 11.78 -26.95
C SER A 616 1.95 11.23 -28.11
N LEU A 617 1.75 11.86 -29.26
CA LEU A 617 2.39 11.40 -30.45
C LEU A 617 3.89 11.38 -30.30
N TYR A 618 4.46 12.19 -29.42
CA TYR A 618 5.92 12.14 -29.22
C TYR A 618 6.37 10.73 -28.79
N LEU A 619 5.52 9.97 -28.10
CA LEU A 619 5.93 8.62 -27.66
C LEU A 619 6.43 7.70 -28.82
N LYS A 620 6.05 7.94 -30.08
CA LYS A 620 6.68 7.20 -31.22
C LYS A 620 8.20 7.06 -31.00
N HIS A 621 8.87 8.08 -30.43
CA HIS A 621 10.31 8.09 -30.28
C HIS A 621 10.79 7.83 -28.84
N GLU A 622 9.90 7.50 -27.92
CA GLU A 622 10.36 7.35 -26.53
C GLU A 622 10.93 5.95 -26.27
N THR A 623 11.90 5.90 -25.37
CA THR A 623 12.58 4.66 -25.04
C THR A 623 12.58 4.31 -23.54
N GLU A 624 12.14 5.22 -22.67
CA GLU A 624 12.38 5.13 -21.22
C GLU A 624 11.15 4.75 -20.40
N ILE A 625 11.39 3.95 -19.37
CA ILE A 625 10.30 3.21 -18.73
C ILE A 625 9.24 4.10 -18.15
N MET A 626 9.64 5.18 -17.50
CA MET A 626 8.71 6.03 -16.79
C MET A 626 7.75 6.79 -17.70
N PRO A 627 8.25 7.49 -18.75
CA PRO A 627 7.28 8.11 -19.66
C PRO A 627 6.48 7.14 -20.52
N VAL A 628 7.03 5.98 -20.88
CA VAL A 628 6.21 5.03 -21.60
C VAL A 628 5.12 4.52 -20.70
N PHE A 629 5.48 4.15 -19.49
CA PHE A 629 4.48 3.71 -18.52
C PHE A 629 3.46 4.81 -18.19
N GLN A 630 3.88 6.08 -18.18
CA GLN A 630 2.94 7.17 -17.85
C GLN A 630 1.91 7.38 -18.97
N GLY A 631 2.40 7.39 -20.20
CA GLY A 631 1.55 7.37 -21.35
C GLY A 631 0.47 6.33 -21.16
N LEU A 632 0.88 5.11 -20.81
CA LEU A 632 -0.04 3.99 -20.70
C LEU A 632 -1.02 4.22 -19.59
N ASN A 633 -0.50 4.68 -18.45
CA ASN A 633 -1.36 5.04 -17.33
C ASN A 633 -2.42 6.07 -17.73
N GLU A 634 -2.12 6.98 -18.66
CA GLU A 634 -3.13 7.97 -19.10
C GLU A 634 -4.06 7.52 -20.23
N LEU A 635 -3.61 6.55 -21.02
CA LEU A 635 -4.31 6.15 -22.23
C LEU A 635 -5.14 4.87 -22.04
N ILE A 636 -4.64 3.89 -21.29
CA ILE A 636 -5.35 2.64 -21.12
C ILE A 636 -6.72 2.90 -20.49
N PRO A 637 -6.81 3.78 -19.50
CA PRO A 637 -8.15 4.02 -18.91
C PRO A 637 -9.21 4.61 -19.84
N MET A 638 -8.81 5.24 -20.92
CA MET A 638 -9.80 5.74 -21.87
C MET A 638 -10.45 4.54 -22.54
N TYR A 639 -9.65 3.56 -22.96
CA TYR A 639 -10.29 2.40 -23.64
C TYR A 639 -10.98 1.52 -22.62
N LYS A 640 -10.55 1.59 -21.38
CA LYS A 640 -11.25 0.88 -20.36
C LYS A 640 -12.71 1.35 -20.22
N LEU A 641 -12.93 2.66 -20.26
CA LEU A 641 -14.29 3.20 -20.16
C LEU A 641 -15.18 2.73 -21.34
N MET A 642 -14.62 2.81 -22.53
CA MET A 642 -15.23 2.33 -23.77
C MET A 642 -15.64 0.85 -23.75
N GLU A 643 -14.71 0.02 -23.31
CA GLU A 643 -14.93 -1.43 -23.17
C GLU A 643 -16.26 -1.78 -22.46
N LYS A 644 -16.71 -0.95 -21.50
CA LYS A 644 -17.99 -1.16 -20.77
C LYS A 644 -19.24 -0.56 -21.45
N ARG A 645 -19.06 -0.02 -22.65
CA ARG A 645 -20.13 0.63 -23.39
C ARG A 645 -20.29 -0.02 -24.76
N ASP A 646 -21.34 0.37 -25.45
CA ASP A 646 -21.61 -0.06 -26.83
C ASP A 646 -20.82 0.89 -27.74
N MET A 647 -19.50 0.69 -27.81
CA MET A 647 -18.55 1.57 -28.53
C MET A 647 -17.40 0.82 -29.25
N ASN A 648 -17.67 -0.32 -29.87
CA ASN A 648 -16.60 -1.09 -30.50
C ASN A 648 -15.80 -0.44 -31.65
N GLU A 649 -16.42 0.39 -32.50
CA GLU A 649 -15.64 1.00 -33.61
C GLU A 649 -14.51 1.84 -32.99
N VAL A 650 -14.83 2.74 -32.05
CA VAL A 650 -13.82 3.64 -31.53
C VAL A 650 -12.87 2.96 -30.54
N GLU A 651 -13.37 2.01 -29.76
CA GLU A 651 -12.50 1.23 -28.87
C GLU A 651 -11.36 0.60 -29.68
N THR A 652 -11.72 -0.01 -30.81
CA THR A 652 -10.80 -0.72 -31.69
C THR A 652 -9.79 0.23 -32.37
N GLN A 653 -10.29 1.39 -32.78
CA GLN A 653 -9.44 2.39 -33.40
C GLN A 653 -8.45 2.90 -32.38
N PHE A 654 -8.93 3.08 -31.16
CA PHE A 654 -8.14 3.62 -30.08
C PHE A 654 -7.04 2.64 -29.65
N LYS A 655 -7.37 1.36 -29.62
CA LYS A 655 -6.38 0.34 -29.29
C LYS A 655 -5.34 0.18 -30.44
N ALA A 656 -5.78 0.26 -31.68
CA ALA A 656 -4.87 0.19 -32.83
C ALA A 656 -3.84 1.33 -32.75
N PHE A 657 -4.34 2.49 -32.34
CA PHE A 657 -3.52 3.67 -32.30
C PHE A 657 -2.44 3.50 -31.24
N LEU A 658 -2.82 2.97 -30.09
CA LEU A 658 -1.89 2.77 -28.99
C LEU A 658 -0.73 1.84 -29.34
N ILE A 659 -1.08 0.71 -29.96
CA ILE A 659 -0.10 -0.26 -30.39
C ILE A 659 0.77 0.34 -31.48
N ARG A 660 0.19 1.11 -32.38
CA ARG A 660 0.97 1.73 -33.44
C ARG A 660 1.95 2.76 -32.84
N LEU A 661 1.50 3.45 -31.78
CA LEU A 661 2.30 4.49 -31.13
C LEU A 661 3.57 3.89 -30.55
N LEU A 662 3.43 2.75 -29.88
CA LEU A 662 4.57 2.05 -29.33
C LEU A 662 5.15 0.94 -30.24
N ARG A 663 4.61 0.77 -31.44
CA ARG A 663 4.97 -0.39 -32.25
C ARG A 663 6.49 -0.53 -32.36
N ASP A 664 7.23 0.52 -32.57
CA ASP A 664 8.67 0.38 -32.70
C ASP A 664 9.30 -0.15 -31.45
N LEU A 665 8.88 0.35 -30.32
CA LEU A 665 9.47 -0.08 -29.07
C LEU A 665 9.08 -1.54 -28.75
N ILE A 666 7.86 -1.94 -29.10
CA ILE A 666 7.42 -3.33 -29.02
C ILE A 666 8.29 -4.22 -29.89
N ASP A 667 8.57 -3.79 -31.12
CA ASP A 667 9.29 -4.64 -32.06
C ASP A 667 10.77 -4.76 -31.76
N LYS A 668 11.24 -3.94 -30.83
CA LYS A 668 12.64 -3.81 -30.48
C LYS A 668 12.96 -4.68 -29.24
N GLN A 669 11.95 -5.30 -28.66
CA GLN A 669 12.11 -6.14 -27.45
C GLN A 669 12.54 -7.58 -27.77
N THR A 670 13.56 -8.05 -27.01
CA THR A 670 14.07 -9.41 -27.11
C THR A 670 13.23 -10.30 -26.22
N TRP A 671 13.07 -11.57 -26.58
CA TRP A 671 12.30 -12.47 -25.76
C TRP A 671 13.22 -13.18 -24.77
N THR A 672 13.76 -12.38 -23.86
CA THR A 672 14.80 -12.81 -22.93
C THR A 672 14.64 -12.08 -21.60
N ASP A 673 15.53 -12.44 -20.65
CA ASP A 673 15.55 -11.88 -19.30
C ASP A 673 16.76 -11.01 -19.12
N GLU A 674 17.24 -10.43 -20.21
CA GLU A 674 18.44 -9.61 -20.22
C GLU A 674 18.19 -8.18 -19.76
N GLY A 675 19.27 -7.55 -19.30
CA GLY A 675 19.26 -6.13 -18.93
C GLY A 675 18.98 -5.79 -17.48
N SER A 676 18.77 -4.49 -17.27
CA SER A 676 18.42 -3.93 -15.98
C SER A 676 16.98 -4.24 -15.59
N VAL A 677 16.69 -4.11 -14.31
CA VAL A 677 15.35 -4.29 -13.81
C VAL A 677 14.37 -3.42 -14.62
N SER A 678 14.83 -2.26 -15.02
CA SER A 678 14.01 -1.34 -15.77
C SER A 678 13.66 -1.94 -17.12
N GLU A 679 14.69 -2.39 -17.83
CA GLU A 679 14.52 -2.96 -19.14
C GLU A 679 13.57 -4.16 -19.11
N ARG A 680 13.72 -4.98 -18.07
CA ARG A 680 12.90 -6.19 -17.93
C ARG A 680 11.42 -5.87 -17.70
N MET A 681 11.13 -4.89 -16.86
CA MET A 681 9.76 -4.57 -16.52
C MET A 681 9.04 -3.99 -17.73
N LEU A 682 9.75 -3.13 -18.43
CA LEU A 682 9.28 -2.57 -19.68
C LEU A 682 9.06 -3.68 -20.70
N ARG A 683 10.02 -4.58 -20.84
CA ARG A 683 9.84 -5.69 -21.74
C ARG A 683 8.54 -6.46 -21.42
N SER A 684 8.39 -6.85 -20.16
CA SER A 684 7.32 -7.71 -19.80
C SER A 684 5.95 -7.07 -20.05
N GLN A 685 5.88 -5.75 -19.79
CA GLN A 685 4.63 -5.00 -19.99
C GLN A 685 4.27 -4.79 -21.47
N LEU A 686 5.23 -4.43 -22.30
CA LEU A 686 4.97 -4.24 -23.69
C LEU A 686 4.55 -5.54 -24.36
N LEU A 687 5.27 -6.62 -24.07
CA LEU A 687 4.93 -7.91 -24.68
C LEU A 687 3.53 -8.32 -24.28
N LEU A 688 3.19 -8.17 -23.01
CA LEU A 688 1.82 -8.51 -22.56
C LEU A 688 0.80 -7.63 -23.33
N LEU A 689 1.07 -6.33 -23.39
CA LEU A 689 0.17 -5.40 -24.00
C LEU A 689 -0.06 -5.76 -25.47
N ALA A 690 1.02 -6.03 -26.19
CA ALA A 690 0.88 -6.25 -27.63
C ALA A 690 0.10 -7.52 -27.86
N CYS A 691 0.33 -8.52 -27.00
CA CYS A 691 -0.37 -9.80 -27.15
CA CYS A 691 -0.37 -9.83 -27.07
C CYS A 691 -1.87 -9.72 -26.75
N VAL A 692 -2.18 -9.01 -25.68
CA VAL A 692 -3.54 -8.82 -25.24
C VAL A 692 -4.36 -8.07 -26.33
N HIS A 693 -3.71 -7.17 -27.07
CA HIS A 693 -4.36 -6.46 -28.18
C HIS A 693 -4.19 -7.14 -29.52
N ASN A 694 -3.70 -8.38 -29.51
CA ASN A 694 -3.66 -9.19 -30.73
C ASN A 694 -2.78 -8.68 -31.87
N TYR A 695 -1.66 -8.07 -31.52
CA TYR A 695 -0.65 -7.71 -32.47
C TYR A 695 -0.08 -9.01 -33.00
N GLN A 696 -0.28 -9.29 -34.27
CA GLN A 696 -0.13 -10.68 -34.65
C GLN A 696 1.32 -11.23 -34.49
N PRO A 697 2.37 -10.42 -34.75
CA PRO A 697 3.73 -10.97 -34.51
C PRO A 697 4.00 -11.42 -33.05
N CYS A 698 3.48 -10.70 -32.07
CA CYS A 698 3.63 -11.04 -30.65
CA CYS A 698 3.72 -11.10 -30.70
C CYS A 698 2.90 -12.33 -30.34
N VAL A 699 1.66 -12.38 -30.79
CA VAL A 699 0.79 -13.50 -30.54
C VAL A 699 1.30 -14.81 -31.10
N GLN A 700 1.84 -14.80 -32.32
CA GLN A 700 2.26 -16.07 -32.97
C GLN A 700 3.45 -16.57 -32.21
N ARG A 701 4.28 -15.66 -31.73
CA ARG A 701 5.47 -16.06 -31.03
C ARG A 701 5.02 -16.68 -29.70
N ALA A 702 4.06 -16.03 -29.08
CA ALA A 702 3.56 -16.46 -27.80
C ALA A 702 2.97 -17.82 -27.91
N GLU A 703 2.12 -18.03 -28.91
CA GLU A 703 1.48 -19.34 -29.16
C GLU A 703 2.52 -20.43 -29.23
N GLY A 704 3.62 -20.11 -29.92
CA GLY A 704 4.72 -21.04 -30.10
C GLY A 704 5.46 -21.35 -28.81
N TYR A 705 5.65 -20.37 -27.97
CA TYR A 705 6.33 -20.63 -26.72
C TYR A 705 5.48 -21.50 -25.82
N PHE A 706 4.18 -21.27 -25.88
CA PHE A 706 3.25 -21.98 -25.02
C PHE A 706 3.17 -23.43 -25.47
N ARG A 707 3.10 -23.68 -26.78
CA ARG A 707 3.01 -25.05 -27.31
C ARG A 707 4.18 -25.90 -26.82
N LYS A 708 5.40 -25.41 -27.03
CA LYS A 708 6.62 -26.11 -26.57
C LYS A 708 6.64 -26.27 -25.05
N TRP A 709 6.27 -25.23 -24.32
CA TRP A 709 6.18 -25.34 -22.87
C TRP A 709 5.26 -26.51 -22.45
N LYS A 710 4.01 -26.42 -22.89
CA LYS A 710 2.99 -27.40 -22.61
C LYS A 710 3.40 -28.80 -23.05
N GLU A 711 3.91 -28.94 -24.28
CA GLU A 711 4.31 -30.26 -24.79
C GLU A 711 5.51 -30.90 -24.08
N SER A 712 6.31 -30.10 -23.39
CA SER A 712 7.28 -30.62 -22.43
C SER A 712 6.64 -30.86 -21.03
N ASN A 713 5.33 -30.68 -20.89
CA ASN A 713 4.63 -30.82 -19.57
C ASN A 713 5.22 -29.87 -18.51
N GLY A 714 5.52 -28.66 -18.97
CA GLY A 714 6.05 -27.60 -18.12
C GLY A 714 7.56 -27.65 -17.90
N ASN A 715 8.24 -28.64 -18.46
CA ASN A 715 9.66 -28.84 -18.17
C ASN A 715 10.56 -27.76 -18.80
N LEU A 716 10.28 -27.35 -20.05
CA LEU A 716 11.07 -26.28 -20.70
C LEU A 716 11.02 -25.02 -19.85
N SER A 717 12.16 -24.34 -19.71
CA SER A 717 12.20 -23.07 -18.98
C SER A 717 11.89 -21.90 -19.92
N LEU A 718 10.89 -21.10 -19.55
CA LEU A 718 10.55 -19.91 -20.30
C LEU A 718 11.25 -18.72 -19.67
N PRO A 719 11.65 -17.76 -20.48
CA PRO A 719 12.12 -16.52 -19.88
C PRO A 719 11.02 -15.87 -19.07
N VAL A 720 11.38 -15.49 -17.85
CA VAL A 720 10.41 -14.96 -16.89
C VAL A 720 9.66 -13.75 -17.44
N ASP A 721 10.37 -12.92 -18.20
CA ASP A 721 9.83 -11.67 -18.73
C ASP A 721 8.79 -11.82 -19.85
N VAL A 722 8.76 -12.96 -20.55
CA VAL A 722 7.75 -13.20 -21.57
C VAL A 722 6.57 -14.03 -21.06
N THR A 723 6.69 -14.55 -19.86
CA THR A 723 5.78 -15.59 -19.35
C THR A 723 4.35 -15.10 -19.13
N LEU A 724 4.20 -13.84 -18.72
CA LEU A 724 2.86 -13.23 -18.66
C LEU A 724 2.19 -13.25 -20.04
N ALA A 725 2.88 -12.70 -21.03
CA ALA A 725 2.39 -12.66 -22.40
C ALA A 725 2.07 -14.06 -22.89
N VAL A 726 3.01 -14.96 -22.68
CA VAL A 726 2.86 -16.38 -23.05
C VAL A 726 1.70 -17.10 -22.35
N PHE A 727 1.51 -16.89 -21.06
CA PHE A 727 0.44 -17.56 -20.33
C PHE A 727 -0.91 -16.96 -20.72
N ALA A 728 -0.96 -15.63 -20.85
CA ALA A 728 -2.16 -14.92 -21.29
C ALA A 728 -2.68 -15.41 -22.69
N VAL A 729 -1.76 -15.69 -23.60
CA VAL A 729 -2.19 -16.17 -24.89
C VAL A 729 -2.66 -17.64 -24.76
N GLY A 730 -1.96 -18.40 -23.95
CA GLY A 730 -2.22 -19.82 -23.83
C GLY A 730 -3.54 -20.12 -23.14
N ALA A 731 -3.93 -19.23 -22.25
CA ALA A 731 -5.17 -19.35 -21.46
C ALA A 731 -6.45 -19.06 -22.26
N GLN A 732 -6.31 -18.62 -23.52
CA GLN A 732 -7.49 -18.34 -24.38
C GLN A 732 -8.12 -19.61 -24.93
N SER A 733 -7.43 -20.74 -24.81
CA SER A 733 -8.03 -22.04 -25.15
C SER A 733 -8.33 -22.77 -23.86
N THR A 734 -9.39 -23.60 -23.90
CA THR A 734 -9.69 -24.55 -22.83
C THR A 734 -8.50 -25.44 -22.51
N GLU A 735 -7.87 -25.99 -23.54
CA GLU A 735 -6.69 -26.85 -23.36
C GLU A 735 -5.71 -26.08 -22.49
N GLY A 736 -5.44 -24.84 -22.89
CA GLY A 736 -4.36 -24.08 -22.26
C GLY A 736 -4.67 -23.65 -20.85
N TRP A 737 -5.90 -23.21 -20.68
CA TRP A 737 -6.38 -22.74 -19.38
C TRP A 737 -6.34 -23.90 -18.39
N ASP A 738 -6.86 -25.06 -18.80
CA ASP A 738 -6.88 -26.24 -17.91
C ASP A 738 -5.47 -26.65 -17.55
N PHE A 739 -4.61 -26.61 -18.56
CA PHE A 739 -3.21 -26.96 -18.37
C PHE A 739 -2.53 -26.04 -17.34
N LEU A 740 -2.58 -24.73 -17.60
CA LEU A 740 -2.13 -23.72 -16.65
C LEU A 740 -2.69 -23.99 -15.27
N TYR A 741 -3.99 -24.16 -15.14
CA TYR A 741 -4.52 -24.39 -13.81
C TYR A 741 -3.92 -25.64 -13.17
N SER A 742 -3.59 -26.65 -13.98
CA SER A 742 -3.06 -27.89 -13.43
C SER A 742 -1.65 -27.74 -12.78
N LYS A 743 -0.94 -26.67 -13.12
CA LYS A 743 0.34 -26.36 -12.55
C LYS A 743 0.23 -25.48 -11.32
N TYR A 744 -0.89 -24.78 -11.17
CA TYR A 744 -1.01 -23.87 -10.04
C TYR A 744 -0.95 -24.71 -8.76
N GLN A 745 -1.74 -25.77 -8.70
CA GLN A 745 -1.71 -26.69 -7.54
C GLN A 745 -0.30 -26.90 -6.90
N PHE A 746 0.72 -27.08 -7.71
CA PHE A 746 2.00 -27.61 -7.26
C PHE A 746 3.11 -26.55 -7.12
N SER A 747 2.88 -25.37 -7.72
CA SER A 747 3.90 -24.32 -7.77
C SER A 747 4.30 -23.80 -6.38
N LEU A 748 5.56 -23.43 -6.24
CA LEU A 748 6.04 -22.83 -5.01
C LEU A 748 6.48 -21.37 -5.23
N SER A 749 6.27 -20.86 -6.44
CA SER A 749 6.82 -19.58 -6.80
C SER A 749 5.66 -18.63 -6.74
N SER A 750 5.77 -17.63 -5.86
CA SER A 750 4.79 -16.57 -5.83
C SER A 750 4.59 -15.93 -7.20
N THR A 751 5.67 -15.62 -7.89
CA THR A 751 5.53 -15.05 -9.23
C THR A 751 4.77 -15.95 -10.23
N GLU A 752 5.10 -17.24 -10.24
CA GLU A 752 4.46 -18.15 -11.18
C GLU A 752 2.95 -18.21 -10.91
N LYS A 753 2.57 -18.23 -9.64
CA LYS A 753 1.15 -18.24 -9.26
C LYS A 753 0.45 -16.96 -9.67
N SER A 754 1.15 -15.85 -9.47
CA SER A 754 0.63 -14.57 -9.85
C SER A 754 0.39 -14.55 -11.34
N GLN A 755 1.37 -15.07 -12.11
CA GLN A 755 1.29 -15.05 -13.54
C GLN A 755 0.14 -15.94 -14.06
N ILE A 756 0.01 -17.13 -13.49
CA ILE A 756 -1.13 -17.99 -13.80
C ILE A 756 -2.47 -17.32 -13.43
N GLU A 757 -2.55 -16.73 -12.23
CA GLU A 757 -3.78 -16.02 -11.82
C GLU A 757 -4.21 -15.00 -12.88
N PHE A 758 -3.24 -14.23 -13.32
CA PHE A 758 -3.50 -13.15 -14.23
C PHE A 758 -4.02 -13.74 -15.52
N ALA A 759 -3.37 -14.79 -15.99
CA ALA A 759 -3.70 -15.39 -17.26
C ALA A 759 -5.07 -16.02 -17.21
N LEU A 760 -5.40 -16.67 -16.10
CA LEU A 760 -6.69 -17.39 -16.06
C LEU A 760 -7.82 -16.39 -16.03
N CYS A 761 -7.56 -15.21 -15.48
CA CYS A 761 -8.57 -14.19 -15.38
C CYS A 761 -8.84 -13.47 -16.70
N ARG A 762 -7.98 -13.71 -17.67
CA ARG A 762 -8.16 -13.13 -19.00
C ARG A 762 -9.09 -13.98 -19.91
N THR A 763 -9.56 -15.14 -19.45
CA THR A 763 -10.46 -15.99 -20.28
C THR A 763 -11.79 -15.27 -20.60
N GLN A 764 -12.37 -15.61 -21.74
CA GLN A 764 -13.65 -15.02 -22.21
C GLN A 764 -14.82 -16.00 -21.97
N ASN A 765 -14.54 -17.13 -21.33
CA ASN A 765 -15.51 -18.13 -20.92
C ASN A 765 -16.04 -17.75 -19.55
N LYS A 766 -17.31 -17.38 -19.53
CA LYS A 766 -18.01 -16.97 -18.32
C LYS A 766 -18.06 -18.03 -17.23
N GLU A 767 -18.17 -19.30 -17.60
CA GLU A 767 -18.21 -20.36 -16.58
C GLU A 767 -16.83 -20.43 -15.84
N LYS A 768 -15.74 -20.25 -16.57
CA LYS A 768 -14.43 -20.23 -15.94
C LYS A 768 -14.24 -19.01 -15.03
N LEU A 769 -14.84 -17.87 -15.36
CA LEU A 769 -14.64 -16.66 -14.52
C LEU A 769 -15.42 -16.77 -13.22
N GLN A 770 -16.59 -17.42 -13.28
CA GLN A 770 -17.39 -17.69 -12.09
C GLN A 770 -16.62 -18.61 -11.14
N TRP A 771 -16.14 -19.71 -11.70
CA TRP A 771 -15.32 -20.68 -10.98
C TRP A 771 -14.21 -20.00 -10.21
N LEU A 772 -13.50 -19.12 -10.88
CA LEU A 772 -12.34 -18.51 -10.24
C LEU A 772 -12.83 -17.68 -9.07
N LEU A 773 -13.98 -17.04 -9.25
CA LEU A 773 -14.52 -16.16 -8.23
C LEU A 773 -15.00 -17.01 -7.04
N ASP A 774 -15.83 -18.00 -7.30
CA ASP A 774 -16.29 -18.95 -6.28
C ASP A 774 -15.15 -19.63 -5.49
N GLU A 775 -14.19 -20.19 -6.21
CA GLU A 775 -13.01 -20.85 -5.61
C GLU A 775 -12.15 -19.96 -4.73
N SER A 776 -11.63 -18.84 -5.25
CA SER A 776 -10.81 -17.96 -4.39
C SER A 776 -11.57 -17.51 -3.16
N PHE A 777 -12.86 -17.23 -3.31
CA PHE A 777 -13.73 -16.90 -2.14
C PHE A 777 -13.81 -18.07 -1.15
N LYS A 778 -14.09 -19.30 -1.62
CA LYS A 778 -14.01 -20.53 -0.77
C LYS A 778 -12.59 -20.67 -0.12
N GLY A 779 -11.54 -20.33 -0.89
CA GLY A 779 -10.17 -20.28 -0.38
C GLY A 779 -9.40 -21.60 -0.39
N ASP A 780 -10.05 -22.72 -0.73
CA ASP A 780 -9.41 -24.06 -0.70
C ASP A 780 -8.41 -24.31 -1.88
N LYS A 781 -8.82 -24.06 -3.12
CA LYS A 781 -7.95 -24.34 -4.29
C LYS A 781 -7.18 -23.08 -4.76
N ILE A 782 -7.73 -21.90 -4.54
CA ILE A 782 -6.96 -20.63 -4.64
C ILE A 782 -7.17 -19.89 -3.33
N LYS A 783 -6.12 -19.31 -2.76
CA LYS A 783 -6.27 -18.75 -1.41
C LYS A 783 -7.01 -17.42 -1.43
N THR A 784 -7.75 -17.16 -0.36
CA THR A 784 -8.59 -15.99 -0.28
C THR A 784 -7.80 -14.67 -0.24
N GLN A 785 -6.57 -14.72 0.24
CA GLN A 785 -5.72 -13.56 0.13
C GLN A 785 -5.62 -13.02 -1.31
N GLU A 786 -5.87 -13.87 -2.32
CA GLU A 786 -5.84 -13.46 -3.74
C GLU A 786 -7.19 -12.95 -4.24
N PHE A 787 -8.27 -13.19 -3.50
CA PHE A 787 -9.58 -12.87 -4.00
C PHE A 787 -9.73 -11.43 -4.41
N PRO A 788 -9.28 -10.50 -3.56
CA PRO A 788 -9.43 -9.11 -3.95
C PRO A 788 -8.89 -8.76 -5.29
N GLN A 789 -7.76 -9.32 -5.65
CA GLN A 789 -7.12 -8.92 -6.88
C GLN A 789 -7.73 -9.70 -8.01
N ILE A 790 -8.09 -10.97 -7.74
CA ILE A 790 -8.82 -11.76 -8.74
C ILE A 790 -10.14 -11.06 -9.10
N LEU A 791 -10.85 -10.54 -8.08
CA LEU A 791 -12.11 -9.86 -8.30
C LEU A 791 -11.90 -8.64 -9.16
N THR A 792 -10.80 -7.96 -8.92
CA THR A 792 -10.46 -6.79 -9.72
C THR A 792 -10.04 -7.12 -11.18
N LEU A 793 -9.23 -8.15 -11.36
CA LEU A 793 -8.85 -8.52 -12.72
C LEU A 793 -10.10 -8.92 -13.52
N ILE A 794 -11.05 -9.61 -12.90
CA ILE A 794 -12.25 -10.03 -13.62
C ILE A 794 -13.18 -8.83 -13.91
N GLY A 795 -13.22 -7.86 -13.00
CA GLY A 795 -13.88 -6.58 -13.23
C GLY A 795 -13.24 -5.76 -14.32
N ARG A 796 -12.00 -6.09 -14.63
CA ARG A 796 -11.28 -5.45 -15.71
C ARG A 796 -11.49 -6.22 -17.01
N ASN A 797 -11.99 -7.45 -16.95
CA ASN A 797 -12.21 -8.25 -18.15
C ASN A 797 -13.43 -7.77 -18.94
N PRO A 798 -13.24 -7.35 -20.18
CA PRO A 798 -14.31 -6.90 -21.07
C PRO A 798 -15.60 -7.70 -21.03
N VAL A 799 -15.54 -9.02 -20.78
CA VAL A 799 -16.76 -9.79 -20.61
C VAL A 799 -16.95 -10.26 -19.19
N GLY A 800 -16.05 -9.93 -18.29
CA GLY A 800 -16.16 -10.31 -16.89
C GLY A 800 -16.73 -9.27 -15.93
N TYR A 801 -16.68 -7.99 -16.29
CA TYR A 801 -17.11 -6.94 -15.35
C TYR A 801 -18.53 -7.17 -14.82
N PRO A 802 -19.47 -7.61 -15.67
CA PRO A 802 -20.78 -7.87 -15.03
C PRO A 802 -20.75 -8.93 -13.92
N LEU A 803 -19.91 -9.95 -14.09
CA LEU A 803 -19.84 -11.04 -13.12
C LEU A 803 -19.20 -10.61 -11.83
N ALA A 804 -18.30 -9.64 -11.91
CA ALA A 804 -17.52 -9.26 -10.74
C ALA A 804 -18.36 -8.36 -9.88
N TRP A 805 -19.03 -7.40 -10.52
CA TRP A 805 -19.98 -6.51 -9.85
C TRP A 805 -21.15 -7.24 -9.20
N GLN A 806 -21.63 -8.30 -9.84
CA GLN A 806 -22.69 -9.13 -9.27
C GLN A 806 -22.18 -9.86 -8.03
N PHE A 807 -21.01 -10.48 -8.17
CA PHE A 807 -20.46 -11.26 -7.09
C PHE A 807 -20.19 -10.43 -5.84
N LEU A 808 -19.70 -9.20 -6.01
CA LEU A 808 -19.40 -8.31 -4.87
C LEU A 808 -20.65 -7.98 -4.12
N ARG A 809 -21.78 -7.89 -4.85
CA ARG A 809 -23.06 -7.48 -4.28
C ARG A 809 -23.73 -8.65 -3.59
N LYS A 810 -23.81 -9.79 -4.27
CA LYS A 810 -24.43 -10.97 -3.70
C LYS A 810 -23.62 -11.47 -2.52
N ASN A 811 -22.32 -11.13 -2.40
CA ASN A 811 -21.47 -11.70 -1.35
C ASN A 811 -20.87 -10.68 -0.38
N TRP A 812 -21.54 -9.55 -0.26
CA TRP A 812 -20.98 -8.41 0.46
C TRP A 812 -20.73 -8.70 1.94
N ASN A 813 -21.75 -9.19 2.64
CA ASN A 813 -21.64 -9.48 4.07
C ASN A 813 -20.50 -10.40 4.46
N LYS A 814 -20.28 -11.48 3.70
CA LYS A 814 -19.21 -12.44 4.03
C LYS A 814 -17.84 -11.82 3.70
N LEU A 815 -17.79 -11.02 2.63
CA LEU A 815 -16.57 -10.29 2.28
C LEU A 815 -16.25 -9.26 3.35
N VAL A 816 -17.25 -8.52 3.82
CA VAL A 816 -16.98 -7.53 4.90
C VAL A 816 -16.47 -8.23 6.19
N GLN A 817 -17.03 -9.37 6.52
CA GLN A 817 -16.63 -10.14 7.70
C GLN A 817 -15.19 -10.65 7.54
N LYS A 818 -14.80 -10.98 6.31
CA LYS A 818 -13.51 -11.55 6.08
C LYS A 818 -12.49 -10.42 6.05
N PHE A 819 -12.79 -9.32 5.38
CA PHE A 819 -11.76 -8.29 5.12
C PHE A 819 -11.83 -6.98 5.97
N GLU A 820 -13.02 -6.74 6.58
CA GLU A 820 -13.37 -5.56 7.37
C GLU A 820 -13.69 -4.30 6.56
N LEU A 821 -14.68 -3.52 7.03
CA LEU A 821 -14.88 -2.14 6.57
C LEU A 821 -13.76 -1.29 7.19
N GLY A 822 -13.30 -0.18 6.63
CA GLY A 822 -12.92 0.01 5.27
C GLY A 822 -11.40 -0.26 5.25
N SER A 823 -11.07 -1.53 5.13
CA SER A 823 -9.76 -1.98 4.75
C SER A 823 -9.50 -1.53 3.31
N SER A 824 -8.22 -1.48 2.93
CA SER A 824 -7.88 -1.35 1.52
C SER A 824 -8.53 -2.42 0.67
N SER A 825 -8.54 -3.66 1.14
CA SER A 825 -9.07 -4.76 0.35
C SER A 825 -10.50 -4.48 -0.11
N ILE A 826 -11.37 -4.16 0.85
CA ILE A 826 -12.73 -3.78 0.54
C ILE A 826 -12.69 -2.58 -0.39
N ALA A 827 -11.82 -1.61 -0.11
CA ALA A 827 -11.75 -0.42 -0.94
C ALA A 827 -11.42 -0.78 -2.43
N HIS A 828 -10.38 -1.59 -2.60
CA HIS A 828 -9.93 -2.05 -3.92
C HIS A 828 -11.03 -2.81 -4.60
N MET A 829 -11.86 -3.52 -3.83
CA MET A 829 -12.93 -4.29 -4.46
C MET A 829 -14.03 -3.35 -4.93
N VAL A 830 -14.37 -2.35 -4.10
CA VAL A 830 -15.42 -1.45 -4.49
C VAL A 830 -15.00 -0.73 -5.76
N MET A 831 -13.80 -0.21 -5.78
CA MET A 831 -13.36 0.54 -6.94
C MET A 831 -13.01 -0.32 -8.11
N GLY A 832 -12.50 -1.51 -7.84
CA GLY A 832 -12.12 -2.41 -8.92
C GLY A 832 -13.27 -2.96 -9.71
N THR A 833 -14.49 -2.87 -9.17
CA THR A 833 -15.67 -3.40 -9.83
C THR A 833 -16.62 -2.31 -10.34
N THR A 834 -16.30 -1.04 -10.09
CA THR A 834 -17.21 0.06 -10.44
C THR A 834 -16.59 1.31 -11.07
N ASN A 835 -15.31 1.55 -10.86
CA ASN A 835 -14.77 2.87 -11.20
C ASN A 835 -14.49 3.10 -12.68
N GLN A 836 -14.85 2.12 -13.50
CA GLN A 836 -14.76 2.24 -14.94
C GLN A 836 -16.13 2.39 -15.62
N PHE A 837 -17.16 2.61 -14.80
CA PHE A 837 -18.47 2.86 -15.29
C PHE A 837 -18.59 4.36 -15.63
N SER A 838 -19.53 4.64 -16.49
CA SER A 838 -19.50 5.81 -17.35
C SER A 838 -20.90 6.32 -17.66
N THR A 839 -21.95 5.64 -17.19
CA THR A 839 -23.35 5.96 -17.51
C THR A 839 -24.16 6.23 -16.25
N ARG A 840 -25.23 7.02 -16.39
CA ARG A 840 -26.12 7.33 -15.27
C ARG A 840 -26.85 6.11 -14.75
N THR A 841 -27.22 5.21 -15.64
CA THR A 841 -27.87 3.98 -15.19
C THR A 841 -26.97 3.25 -14.22
N ARG A 842 -25.72 3.10 -14.62
CA ARG A 842 -24.75 2.48 -13.80
C ARG A 842 -24.48 3.23 -12.50
N LEU A 843 -24.44 4.56 -12.55
CA LEU A 843 -24.24 5.35 -11.33
C LEU A 843 -25.36 5.04 -10.33
N GLU A 844 -26.62 5.04 -10.80
CA GLU A 844 -27.77 4.72 -9.93
C GLU A 844 -27.73 3.29 -9.35
N GLU A 845 -27.32 2.31 -10.17
CA GLU A 845 -26.98 0.98 -9.62
C GLU A 845 -26.01 1.13 -8.43
N VAL A 846 -24.87 1.74 -8.68
CA VAL A 846 -23.84 1.79 -7.66
C VAL A 846 -24.39 2.48 -6.43
N LYS A 847 -25.15 3.55 -6.62
CA LYS A 847 -25.61 4.34 -5.47
C LYS A 847 -26.63 3.60 -4.65
N GLY A 848 -27.49 2.86 -5.34
CA GLY A 848 -28.62 2.16 -4.72
C GLY A 848 -28.16 1.01 -3.87
N PHE A 849 -27.12 0.31 -4.36
CA PHE A 849 -26.64 -0.84 -3.65
C PHE A 849 -26.00 -0.37 -2.37
N PHE A 850 -25.08 0.60 -2.46
CA PHE A 850 -24.34 1.01 -1.26
C PHE A 850 -25.22 1.72 -0.23
N SER A 851 -26.30 2.35 -0.68
CA SER A 851 -27.26 2.98 0.22
C SER A 851 -28.03 1.99 1.07
N SER A 852 -28.34 0.84 0.48
CA SER A 852 -29.14 -0.16 1.17
C SER A 852 -28.36 -0.73 2.35
N LEU A 853 -27.04 -0.63 2.31
CA LEU A 853 -26.19 -1.29 3.30
C LEU A 853 -26.24 -0.63 4.65
N LYS A 854 -26.77 0.58 4.72
CA LYS A 854 -26.99 1.29 5.99
C LYS A 854 -25.71 1.33 6.87
N GLU A 855 -25.75 0.78 8.09
CA GLU A 855 -24.56 0.87 8.98
C GLU A 855 -23.43 -0.07 8.47
N ASN A 856 -23.75 -0.98 7.54
CA ASN A 856 -22.80 -1.97 7.06
C ASN A 856 -22.14 -1.63 5.71
N GLY A 857 -21.76 -0.38 5.50
CA GLY A 857 -20.95 -0.01 4.32
C GLY A 857 -21.27 1.29 3.57
N SER A 858 -22.43 1.87 3.85
CA SER A 858 -22.91 3.03 3.12
C SER A 858 -22.16 4.33 3.36
N GLN A 859 -21.34 4.37 4.42
CA GLN A 859 -20.54 5.57 4.79
C GLN A 859 -19.08 5.44 4.37
N LEU A 860 -18.74 4.29 3.79
CA LEU A 860 -17.39 4.01 3.36
C LEU A 860 -16.87 5.13 2.48
N ARG A 861 -15.65 5.58 2.75
CA ARG A 861 -15.06 6.60 1.92
C ARG A 861 -14.89 6.14 0.48
N CYS A 862 -14.42 4.91 0.29
CA CYS A 862 -14.27 4.39 -1.06
C CYS A 862 -15.55 4.45 -1.90
N VAL A 863 -16.71 4.31 -1.27
CA VAL A 863 -17.96 4.35 -2.00
C VAL A 863 -18.14 5.75 -2.53
N GLN A 864 -17.89 6.77 -1.71
CA GLN A 864 -17.96 8.16 -2.18
C GLN A 864 -16.95 8.40 -3.29
N GLN A 865 -15.78 7.79 -3.18
CA GLN A 865 -14.77 7.94 -4.23
C GLN A 865 -15.21 7.35 -5.59
N THR A 866 -15.74 6.14 -5.63
CA THR A 866 -16.20 5.63 -6.92
C THR A 866 -17.29 6.49 -7.44
N ILE A 867 -18.24 6.88 -6.59
CA ILE A 867 -19.37 7.67 -7.08
C ILE A 867 -18.84 8.91 -7.79
N GLU A 868 -17.97 9.69 -7.15
CA GLU A 868 -17.39 10.88 -7.81
C GLU A 868 -16.54 10.49 -9.02
N THR A 869 -15.90 9.32 -8.98
CA THR A 869 -15.16 8.87 -10.16
C THR A 869 -16.10 8.61 -11.36
N ILE A 870 -17.15 7.83 -11.12
CA ILE A 870 -18.22 7.59 -12.11
C ILE A 870 -18.74 8.93 -12.62
N GLU A 871 -19.02 9.85 -11.69
CA GLU A 871 -19.58 11.15 -12.07
C GLU A 871 -18.62 11.87 -12.99
N GLU A 872 -17.33 11.83 -12.69
CA GLU A 872 -16.37 12.43 -13.58
C GLU A 872 -16.31 11.64 -14.88
N ASN A 873 -16.40 10.32 -14.85
CA ASN A 873 -16.37 9.52 -16.11
C ASN A 873 -17.53 9.95 -17.05
N ILE A 874 -18.74 10.04 -16.50
CA ILE A 874 -19.92 10.41 -17.27
C ILE A 874 -19.65 11.68 -18.07
N GLY A 875 -19.18 12.73 -17.40
CA GLY A 875 -18.90 14.03 -18.04
C GLY A 875 -17.72 14.08 -18.98
N TRP A 876 -16.65 13.37 -18.61
CA TRP A 876 -15.44 13.28 -19.45
C TRP A 876 -15.77 12.61 -20.79
N MET A 877 -16.69 11.68 -20.75
CA MET A 877 -16.97 10.85 -21.89
C MET A 877 -18.04 11.52 -22.72
N ASP A 878 -19.08 12.05 -22.06
CA ASP A 878 -19.98 12.99 -22.74
C ASP A 878 -19.30 14.14 -23.49
N LYS A 879 -18.27 14.74 -22.93
CA LYS A 879 -17.52 15.77 -23.63
C LYS A 879 -16.58 15.17 -24.71
N ASN A 880 -15.69 14.26 -24.32
CA ASN A 880 -14.55 13.90 -25.16
C ASN A 880 -14.76 12.74 -26.14
N PHE A 881 -15.76 11.89 -25.92
CA PHE A 881 -15.95 10.71 -26.79
C PHE A 881 -15.85 11.05 -28.27
N ASP A 882 -16.81 11.83 -28.73
CA ASP A 882 -16.79 12.32 -30.10
C ASP A 882 -15.49 13.03 -30.49
N LYS A 883 -14.90 13.81 -29.60
CA LYS A 883 -13.65 14.48 -29.92
C LYS A 883 -12.53 13.46 -30.28
N ILE A 884 -12.53 12.33 -29.59
CA ILE A 884 -11.52 11.30 -29.78
C ILE A 884 -11.77 10.55 -31.09
N ARG A 885 -13.03 10.20 -31.30
CA ARG A 885 -13.44 9.56 -32.54
C ARG A 885 -12.90 10.34 -33.75
N VAL A 886 -13.08 11.65 -33.72
CA VAL A 886 -12.72 12.50 -34.84
C VAL A 886 -11.20 12.72 -34.90
N TRP A 887 -10.58 12.78 -33.75
CA TRP A 887 -9.13 12.93 -33.67
C TRP A 887 -8.41 11.70 -34.19
N LEU A 888 -8.90 10.52 -33.83
CA LEU A 888 -8.32 9.28 -34.34
C LEU A 888 -8.30 9.28 -35.87
N GLN A 889 -9.37 9.80 -36.47
CA GLN A 889 -9.42 9.93 -37.93
C GLN A 889 -8.43 10.95 -38.50
N SER A 890 -8.32 12.13 -37.91
CA SER A 890 -7.36 13.13 -38.39
C SER A 890 -5.91 12.66 -38.26
N GLU A 891 -5.64 11.86 -37.23
CA GLU A 891 -4.31 11.33 -37.02
C GLU A 891 -3.91 10.29 -38.11
N LYS A 892 -4.84 9.90 -38.99
CA LYS A 892 -4.48 9.08 -40.19
C LYS A 892 -4.23 9.94 -41.46
N LEU A 893 -4.50 11.24 -41.40
CA LEU A 893 -3.76 12.17 -42.27
C LEU A 893 -2.30 12.27 -41.71
N GLU A 894 -1.65 11.10 -41.77
CA GLU A 894 -0.21 10.87 -41.63
C GLU A 894 0.17 9.87 -42.77
N ARG A 895 -0.65 8.81 -42.92
CA ARG A 895 -0.81 8.05 -44.19
C ARG A 895 -1.26 8.92 -45.43
C1 NAG B . -5.02 -29.52 21.93
C2 NAG B . -3.80 -29.91 22.79
C3 NAG B . -3.41 -31.38 22.52
C4 NAG B . -4.71 -32.20 22.68
C5 NAG B . -5.77 -31.71 21.70
C6 NAG B . -7.00 -32.63 21.63
C7 NAG B . -2.40 -27.94 23.18
C8 NAG B . -1.26 -27.08 22.71
N2 NAG B . -2.71 -29.01 22.44
O3 NAG B . -2.39 -31.71 23.43
O4 NAG B . -4.77 -33.60 22.51
O5 NAG B . -6.12 -30.37 22.03
O6 NAG B . -7.57 -32.77 22.93
O7 NAG B . -2.98 -27.64 24.21
C1 NAG B . -3.58 -34.31 22.77
C2 NAG B . -3.80 -35.24 23.98
C3 NAG B . -3.52 -36.63 23.43
C4 NAG B . -4.46 -36.89 22.26
C5 NAG B . -4.00 -36.04 21.07
C6 NAG B . -5.12 -35.73 20.04
C7 NAG B . -1.84 -35.52 25.53
C8 NAG B . -0.88 -34.89 26.49
N2 NAG B . -2.83 -34.77 24.97
O3 NAG B . -3.57 -37.69 24.36
O4 NAG B . -4.29 -38.26 21.92
O5 NAG B . -3.24 -34.90 21.50
O6 NAG B . -6.34 -36.08 20.66
O7 NAG B . -1.70 -36.73 25.27
C1 NAG C . -16.09 -20.30 19.58
C2 NAG C . -16.87 -19.22 20.38
C3 NAG C . -18.16 -19.80 20.97
C4 NAG C . -19.00 -20.67 19.98
C5 NAG C . -18.12 -21.61 19.13
C6 NAG C . -18.81 -22.40 18.00
C7 NAG C . -16.23 -17.09 21.53
C8 NAG C . -15.50 -16.28 22.56
N2 NAG C . -16.12 -18.46 21.42
O3 NAG C . -18.97 -18.74 21.46
O4 NAG C . -19.91 -21.37 20.81
O5 NAG C . -16.98 -20.91 18.64
O6 NAG C . -18.90 -21.82 16.68
O7 NAG C . -16.92 -16.40 20.80
C1 NAG C . -21.27 -21.29 20.32
C2 NAG C . -22.11 -22.51 20.77
C3 NAG C . -23.56 -22.43 20.26
C4 NAG C . -24.15 -21.03 20.52
C5 NAG C . -23.16 -20.03 19.88
C6 NAG C . -23.67 -18.61 19.62
C7 NAG C . -20.71 -24.48 21.26
C8 NAG C . -20.08 -25.81 20.85
N2 NAG C . -21.52 -23.81 20.42
O3 NAG C . -24.31 -23.48 20.84
O4 NAG C . -25.49 -20.96 20.00
O5 NAG C . -21.93 -20.07 20.66
O6 NAG C . -23.82 -17.96 20.86
O7 NAG C . -20.47 -23.97 22.38
C1 NAG D . -17.67 18.64 -0.92
C2 NAG D . -19.08 18.79 -1.51
C3 NAG D . -20.12 19.29 -0.50
C4 NAG D . -20.04 18.58 0.86
C5 NAG D . -18.61 18.25 1.37
C6 NAG D . -18.58 17.06 2.36
C7 NAG D . -19.57 19.10 -3.95
C8 NAG D . -19.44 19.89 -5.25
N2 NAG D . -19.01 19.53 -2.80
O3 NAG D . -21.38 19.03 -1.09
O4 NAG D . -20.77 19.27 1.89
O5 NAG D . -17.60 18.02 0.37
O6 NAG D . -19.19 15.85 1.90
O7 NAG D . -20.20 18.05 -3.97
ZN ZN E . 3.87 1.01 6.64
K K F . -11.33 8.87 6.84
K K G . 25.74 7.91 11.67
C1 EDO H . 13.57 25.36 -3.30
O1 EDO H . 13.14 24.18 -4.02
C2 EDO H . 14.80 25.14 -2.37
O2 EDO H . 15.24 26.39 -1.79
N2 BES I . 1.77 -0.59 9.40
C1 BES I . 1.55 -1.16 8.12
C6 BES I . 0.77 -2.50 8.15
C7 BES I . -0.75 -2.50 7.97
C8 BES I . -1.36 -2.45 6.72
C12 BES I . -1.58 -2.61 9.08
C9 BES I . -2.76 -2.47 6.60
C11 BES I . -2.97 -2.63 8.95
C10 BES I . -3.57 -2.57 7.71
C2 BES I . 2.91 -1.47 7.37
O2 BES I . 4.01 -0.59 7.58
C3 BES I . 2.73 -1.21 5.94
O3 BES I . 2.55 -0.03 5.70
N1 BES I . 2.75 -2.25 5.08
C4 BES I . 2.50 -2.06 3.63
C13 BES I . 3.72 -2.41 2.75
C14 BES I . 3.87 -1.49 1.49
C15 BES I . 5.30 -1.44 0.92
C16 BES I . 3.37 -0.05 1.67
C5 BES I . 1.29 -2.85 3.19
O1 BES I . 0.93 -3.77 3.93
O4 BES I . 0.68 -2.54 2.15
#